data_3WE0
#
_entry.id   3WE0
#
_cell.length_a   118.926
_cell.length_b   141.353
_cell.length_c   75.970
_cell.angle_alpha   90.00
_cell.angle_beta   90.00
_cell.angle_gamma   90.00
#
_symmetry.space_group_name_H-M   'P 21 21 2'
#
loop_
_entity.id
_entity.type
_entity.pdbx_description
1 polymer 'L-amino acid oxidase/monooxygenase'
2 non-polymer 'FLAVIN-ADENINE DINUCLEOTIDE'
3 water water
#
_entity_poly.entity_id   1
_entity_poly.type   'polypeptide(L)'
_entity_poly.pdbx_seq_one_letter_code
;MGSSHHHHHHSSGLVPRGSHMNKNNRHPADGKKPITIFGPDFPFAFDDWLEHPAGLGSIPAARHGEEVAIVGAGIAGLVA
AYELMKLGLKPVVYEASKMGGRLRSQAFNGTDGIIAELGGMRFPVSSTAFYHYVDKLGLETKPFPNPLTPASRSTVIDLE
GQTYYAEKAADLPALFQEVTDAWADALESGARFGDIQQAIRDRDVPRLKELWNTLVPLWDDRTFYDFVATSKAFAKLSFQ
HREVFGQVGFGTGGWDSDFPNSMLEIFRVVMTNCDDHQHLVVGGVEQVPQGIWRHVPERCAHWPEGTSLSSLHGGAPRTG
VKRIARASDGRLAVTDNWGDCRHYAAVLTTCQSWLLTTQIDCEESLFSQKMWMALDRTRYMQSSKTFVMVDRPFWKDKDP
ETGRDLMSMTLTDRLTRGTYLFDNGDDKPGVICLSYAWMSDALKMLPHPVEKRVQLALDALKKIYPKTDIAGHIIGDPIT
ISWEADPHFLGAFKGALPGHYRYNQRMYAHFMQAQMPVEQRGIFIAGDDVSWTPAWVEGAVQTSLNAVWGIMNHFGGKTH
ADNPGPGDVFDEIGQIALAD
;
_entity_poly.pdbx_strand_id   A,B
#
loop_
_chem_comp.id
_chem_comp.type
_chem_comp.name
_chem_comp.formula
FAD non-polymer 'FLAVIN-ADENINE DINUCLEOTIDE' 'C27 H33 N9 O15 P2'
#
# COMPACT_ATOMS: atom_id res chain seq x y z
N LYS A 32 -10.94 -6.89 -39.37
CA LYS A 32 -10.78 -7.71 -38.12
C LYS A 32 -11.97 -7.57 -37.15
N LYS A 33 -12.46 -8.69 -36.62
CA LYS A 33 -13.45 -8.64 -35.53
C LYS A 33 -12.76 -7.97 -34.30
N PRO A 34 -13.44 -7.06 -33.59
CA PRO A 34 -12.70 -6.28 -32.59
C PRO A 34 -12.40 -7.12 -31.30
N ILE A 35 -11.38 -6.69 -30.56
CA ILE A 35 -11.18 -7.18 -29.19
C ILE A 35 -12.28 -6.53 -28.32
N THR A 36 -13.01 -7.30 -27.53
CA THR A 36 -13.94 -6.68 -26.57
C THR A 36 -13.57 -7.31 -25.18
N ILE A 37 -14.22 -6.83 -24.12
CA ILE A 37 -14.03 -7.32 -22.79
C ILE A 37 -14.97 -8.55 -22.67
N PHE A 38 -14.57 -9.64 -23.32
CA PHE A 38 -15.34 -10.88 -23.42
C PHE A 38 -14.54 -11.91 -22.62
N GLY A 39 -15.01 -12.23 -21.41
CA GLY A 39 -14.18 -12.95 -20.43
C GLY A 39 -12.83 -12.22 -20.16
N PRO A 40 -11.73 -12.97 -19.92
CA PRO A 40 -11.64 -14.43 -20.14
C PRO A 40 -12.35 -15.27 -19.11
N ASP A 41 -12.64 -14.70 -17.92
CA ASP A 41 -13.15 -15.52 -16.81
C ASP A 41 -14.56 -16.02 -17.05
N PHE A 42 -15.40 -15.12 -17.54
CA PHE A 42 -16.78 -15.39 -17.87
C PHE A 42 -17.08 -14.86 -19.26
N PRO A 43 -16.83 -15.69 -20.29
CA PRO A 43 -16.92 -15.15 -21.66
C PRO A 43 -18.39 -15.13 -22.10
N PHE A 44 -19.16 -14.22 -21.50
CA PHE A 44 -20.55 -14.01 -21.88
C PHE A 44 -20.66 -12.72 -22.67
N ALA A 45 -21.47 -12.71 -23.74
CA ALA A 45 -21.58 -11.50 -24.55
C ALA A 45 -22.63 -10.61 -23.98
N PHE A 46 -22.27 -9.79 -22.97
CA PHE A 46 -23.22 -8.91 -22.36
C PHE A 46 -23.81 -7.94 -23.41
N ASP A 47 -22.95 -7.47 -24.33
CA ASP A 47 -23.42 -6.61 -25.42
C ASP A 47 -24.57 -7.26 -26.25
N ASP A 48 -24.40 -8.52 -26.68
CA ASP A 48 -25.45 -9.27 -27.42
C ASP A 48 -26.71 -9.37 -26.61
N TRP A 49 -26.58 -9.59 -25.30
CA TRP A 49 -27.72 -9.83 -24.43
C TRP A 49 -28.53 -8.53 -24.34
N LEU A 50 -27.80 -7.36 -24.29
CA LEU A 50 -28.45 -6.05 -24.22
C LEU A 50 -29.11 -5.66 -25.56
N GLU A 51 -28.42 -6.00 -26.65
CA GLU A 51 -28.83 -5.59 -28.02
C GLU A 51 -29.88 -6.48 -28.62
N HIS A 52 -30.06 -7.67 -28.07
CA HIS A 52 -31.09 -8.56 -28.71
C HIS A 52 -32.45 -7.92 -28.67
N PRO A 53 -33.22 -8.03 -29.78
CA PRO A 53 -34.51 -7.36 -29.75
C PRO A 53 -35.58 -8.00 -28.82
N ALA A 54 -35.35 -9.21 -28.34
CA ALA A 54 -36.37 -9.85 -27.41
C ALA A 54 -36.42 -9.14 -26.07
N GLY A 55 -35.35 -8.38 -25.73
CA GLY A 55 -35.21 -7.80 -24.36
C GLY A 55 -34.58 -8.80 -23.36
N LEU A 56 -34.39 -8.39 -22.09
CA LEU A 56 -33.61 -9.20 -21.16
C LEU A 56 -34.41 -10.37 -20.54
N GLY A 57 -35.73 -10.37 -20.66
CA GLY A 57 -36.52 -11.48 -20.02
C GLY A 57 -37.82 -10.91 -19.54
N SER A 58 -38.47 -11.58 -18.61
CA SER A 58 -39.70 -11.07 -18.11
C SER A 58 -39.90 -11.62 -16.69
N ILE A 59 -40.74 -10.97 -15.90
CA ILE A 59 -41.10 -11.33 -14.52
C ILE A 59 -42.59 -11.51 -14.55
N PRO A 60 -43.16 -12.50 -13.80
CA PRO A 60 -44.67 -12.68 -13.95
C PRO A 60 -45.41 -11.39 -13.60
N ALA A 61 -46.50 -11.09 -14.29
CA ALA A 61 -47.28 -9.87 -14.04
C ALA A 61 -47.64 -9.67 -12.55
N ALA A 62 -47.86 -10.77 -11.82
CA ALA A 62 -48.31 -10.68 -10.41
C ALA A 62 -47.29 -9.98 -9.54
N ARG A 63 -46.04 -9.90 -10.01
CA ARG A 63 -44.99 -9.32 -9.16
C ARG A 63 -44.64 -7.93 -9.63
N HIS A 64 -45.27 -7.44 -10.71
CA HIS A 64 -44.94 -6.08 -11.26
C HIS A 64 -45.23 -5.03 -10.21
N GLY A 65 -44.34 -4.03 -10.07
CA GLY A 65 -44.52 -2.91 -9.15
C GLY A 65 -43.92 -3.11 -7.80
N GLU A 66 -43.49 -4.34 -7.49
CA GLU A 66 -42.89 -4.63 -6.19
C GLU A 66 -41.54 -3.93 -6.16
N GLU A 67 -41.07 -3.61 -4.97
CA GLU A 67 -39.86 -2.79 -4.88
C GLU A 67 -38.60 -3.58 -4.67
N VAL A 68 -37.46 -3.11 -5.21
CA VAL A 68 -36.20 -3.73 -4.89
C VAL A 68 -35.24 -2.63 -4.56
N ALA A 69 -34.56 -2.77 -3.42
CA ALA A 69 -33.66 -1.70 -2.93
C ALA A 69 -32.31 -1.75 -3.68
N ILE A 70 -31.78 -0.59 -4.11
CA ILE A 70 -30.49 -0.55 -4.77
C ILE A 70 -29.61 0.45 -3.99
N VAL A 71 -28.54 -0.01 -3.44
CA VAL A 71 -27.73 0.86 -2.60
C VAL A 71 -26.61 1.35 -3.50
N GLY A 72 -26.61 2.66 -3.80
CA GLY A 72 -25.58 3.23 -4.70
C GLY A 72 -26.21 3.70 -5.99
N ALA A 73 -25.99 4.97 -6.37
CA ALA A 73 -26.44 5.46 -7.69
C ALA A 73 -25.17 5.83 -8.58
N GLY A 74 -24.15 4.96 -8.53
CA GLY A 74 -23.04 4.91 -9.52
C GLY A 74 -23.62 4.18 -10.75
N ILE A 75 -22.72 3.90 -11.67
CA ILE A 75 -23.13 3.21 -12.90
C ILE A 75 -23.71 1.81 -12.58
N ALA A 76 -23.13 1.08 -11.60
CA ALA A 76 -23.68 -0.33 -11.36
C ALA A 76 -25.08 -0.25 -10.84
N GLY A 77 -25.31 0.67 -9.89
CA GLY A 77 -26.67 0.80 -9.30
C GLY A 77 -27.68 1.30 -10.33
N LEU A 78 -27.30 2.22 -11.20
CA LEU A 78 -28.29 2.80 -12.08
C LEU A 78 -28.55 1.87 -13.28
N VAL A 79 -27.55 1.13 -13.74
CA VAL A 79 -27.81 0.23 -14.87
C VAL A 79 -28.83 -0.84 -14.35
N ALA A 80 -28.63 -1.33 -13.14
CA ALA A 80 -29.51 -2.36 -12.58
C ALA A 80 -30.91 -1.85 -12.36
N ALA A 81 -31.00 -0.68 -11.75
CA ALA A 81 -32.25 -0.01 -11.55
C ALA A 81 -32.99 0.19 -12.91
N TYR A 82 -32.25 0.62 -13.91
CA TYR A 82 -32.80 0.88 -15.23
C TYR A 82 -33.42 -0.38 -15.84
N GLU A 83 -32.62 -1.42 -15.94
CA GLU A 83 -33.13 -2.72 -16.47
C GLU A 83 -34.20 -3.36 -15.61
N LEU A 84 -34.15 -3.24 -14.27
CA LEU A 84 -35.23 -3.84 -13.50
C LEU A 84 -36.55 -3.08 -13.57
N MET A 85 -36.48 -1.73 -13.58
CA MET A 85 -37.66 -0.90 -14.00
C MET A 85 -38.27 -1.43 -15.31
N LYS A 86 -37.45 -1.64 -16.37
CA LYS A 86 -37.97 -2.20 -17.67
C LYS A 86 -38.74 -3.55 -17.51
N LEU A 87 -38.37 -4.34 -16.53
CA LEU A 87 -39.00 -5.67 -16.30
C LEU A 87 -40.21 -5.59 -15.47
N GLY A 88 -40.54 -4.39 -14.99
CA GLY A 88 -41.78 -4.08 -14.32
C GLY A 88 -41.65 -3.99 -12.82
N LEU A 89 -40.43 -4.03 -12.28
CA LEU A 89 -40.23 -3.78 -10.84
C LEU A 89 -40.16 -2.29 -10.56
N LYS A 90 -40.21 -1.97 -9.26
CA LYS A 90 -39.99 -0.60 -8.80
C LYS A 90 -38.66 -0.55 -8.06
N PRO A 91 -37.56 -0.33 -8.80
CA PRO A 91 -36.31 -0.10 -8.07
C PRO A 91 -36.38 1.16 -7.17
N VAL A 92 -35.78 1.11 -5.98
CA VAL A 92 -35.64 2.29 -5.09
C VAL A 92 -34.17 2.43 -4.88
N VAL A 93 -33.60 3.44 -5.55
CA VAL A 93 -32.15 3.70 -5.39
C VAL A 93 -31.87 4.58 -4.12
N TYR A 94 -30.89 4.18 -3.30
CA TYR A 94 -30.42 4.97 -2.19
C TYR A 94 -29.05 5.51 -2.57
N GLU A 95 -28.77 6.78 -2.27
CA GLU A 95 -27.41 7.34 -2.53
C GLU A 95 -26.96 8.20 -1.32
N ALA A 96 -25.78 7.90 -0.76
CA ALA A 96 -25.30 8.52 0.46
C ALA A 96 -24.54 9.81 0.15
N SER A 97 -24.00 9.94 -1.08
CA SER A 97 -23.24 11.14 -1.46
C SER A 97 -23.79 11.77 -2.73
N LYS A 98 -23.11 11.60 -3.88
CA LYS A 98 -23.53 12.18 -5.15
C LYS A 98 -23.90 11.16 -6.20
N MET A 99 -24.93 11.45 -7.00
CA MET A 99 -25.27 10.57 -8.12
C MET A 99 -24.08 10.48 -9.06
N GLY A 100 -23.90 9.30 -9.68
CA GLY A 100 -22.76 9.05 -10.56
C GLY A 100 -21.60 8.31 -9.94
N GLY A 101 -21.40 8.44 -8.60
CA GLY A 101 -20.28 7.75 -7.93
C GLY A 101 -18.94 8.18 -8.51
N ARG A 102 -18.15 7.21 -8.99
CA ARG A 102 -16.84 7.55 -9.57
C ARG A 102 -16.80 7.92 -11.08
N LEU A 103 -17.98 8.13 -11.66
CA LEU A 103 -18.13 8.83 -12.95
C LEU A 103 -18.54 10.26 -12.52
N ARG A 104 -17.59 11.19 -12.48
CA ARG A 104 -17.90 12.54 -11.88
C ARG A 104 -17.20 13.58 -12.72
N SER A 105 -17.93 14.60 -13.17
CA SER A 105 -17.39 15.56 -14.17
C SER A 105 -17.68 16.92 -13.57
N GLN A 106 -16.68 17.75 -13.30
CA GLN A 106 -17.00 19.09 -12.69
C GLN A 106 -16.70 20.18 -13.71
N ALA A 107 -17.63 21.15 -13.90
CA ALA A 107 -17.37 22.32 -14.78
C ALA A 107 -16.49 23.33 -14.07
N PHE A 108 -15.59 23.97 -14.84
CA PHE A 108 -14.81 25.01 -14.27
C PHE A 108 -15.68 26.28 -14.08
N ASN A 109 -15.30 27.13 -13.11
CA ASN A 109 -16.01 28.40 -12.87
C ASN A 109 -16.47 29.15 -14.10
N GLY A 110 -17.75 29.44 -14.18
CA GLY A 110 -18.24 30.37 -15.21
C GLY A 110 -18.27 29.95 -16.69
N THR A 111 -17.74 28.76 -16.95
CA THR A 111 -17.77 28.18 -18.31
C THR A 111 -19.02 27.36 -18.55
N ASP A 112 -19.28 27.15 -19.82
CA ASP A 112 -20.37 26.37 -20.31
C ASP A 112 -19.72 25.12 -20.91
N GLY A 113 -19.85 24.01 -20.21
CA GLY A 113 -19.45 22.70 -20.80
C GLY A 113 -17.96 22.44 -20.80
N ILE A 114 -17.17 23.17 -20.02
CA ILE A 114 -15.73 22.83 -19.97
C ILE A 114 -15.48 22.07 -18.71
N ILE A 115 -15.12 20.76 -18.79
CA ILE A 115 -15.13 19.90 -17.61
C ILE A 115 -13.78 19.24 -17.25
N ALA A 116 -13.65 18.91 -15.98
CA ALA A 116 -12.55 18.09 -15.54
C ALA A 116 -13.14 16.74 -15.10
N GLU A 117 -12.55 15.66 -15.56
CA GLU A 117 -13.02 14.33 -15.19
C GLU A 117 -12.36 13.90 -13.90
N LEU A 118 -13.13 13.88 -12.83
CA LEU A 118 -12.59 13.49 -11.51
C LEU A 118 -12.47 11.99 -11.23
N GLY A 119 -13.37 11.17 -11.79
CA GLY A 119 -13.22 9.67 -11.63
C GLY A 119 -12.73 9.19 -12.99
N GLY A 120 -13.36 8.15 -13.51
CA GLY A 120 -12.91 7.50 -14.73
C GLY A 120 -12.88 8.54 -15.87
N MET A 121 -11.89 8.48 -16.75
CA MET A 121 -11.93 9.45 -17.87
C MET A 121 -11.69 8.89 -19.22
N ARG A 122 -11.02 7.79 -19.27
CA ARG A 122 -10.76 7.22 -20.61
C ARG A 122 -11.28 5.80 -20.73
N PHE A 123 -12.14 5.63 -21.70
CA PHE A 123 -12.91 4.41 -21.72
C PHE A 123 -12.54 3.58 -22.95
N PRO A 124 -11.91 2.44 -22.73
CA PRO A 124 -11.56 1.63 -23.88
C PRO A 124 -12.81 1.18 -24.65
N VAL A 125 -12.71 1.36 -25.95
CA VAL A 125 -13.82 0.96 -26.84
C VAL A 125 -14.07 -0.58 -26.82
N SER A 126 -13.16 -1.38 -26.24
CA SER A 126 -13.52 -2.80 -25.91
C SER A 126 -14.63 -2.91 -24.87
N SER A 127 -14.97 -1.81 -24.18
CA SER A 127 -16.01 -1.76 -23.16
C SER A 127 -17.40 -1.77 -23.80
N THR A 128 -17.83 -2.86 -24.43
CA THR A 128 -19.01 -2.72 -25.24
C THR A 128 -20.34 -2.66 -24.46
N ALA A 129 -20.39 -3.19 -23.24
CA ALA A 129 -21.66 -3.07 -22.48
C ALA A 129 -21.75 -1.60 -22.00
N PHE A 130 -20.63 -1.01 -21.56
CA PHE A 130 -20.71 0.45 -21.16
C PHE A 130 -21.18 1.33 -22.33
N TYR A 131 -20.51 1.17 -23.48
CA TYR A 131 -20.84 1.91 -24.71
C TYR A 131 -22.28 1.67 -25.19
N HIS A 132 -22.91 0.52 -24.91
CA HIS A 132 -24.32 0.37 -25.11
C HIS A 132 -25.09 1.52 -24.49
N TYR A 133 -24.75 1.87 -23.26
CA TYR A 133 -25.50 2.95 -22.59
C TYR A 133 -25.08 4.36 -23.05
N VAL A 134 -23.79 4.54 -23.31
CA VAL A 134 -23.32 5.82 -23.93
C VAL A 134 -24.13 6.12 -25.23
N ASP A 135 -24.14 5.12 -26.11
CA ASP A 135 -24.93 5.16 -27.38
C ASP A 135 -26.43 5.31 -27.22
N LYS A 136 -27.03 4.57 -26.30
CA LYS A 136 -28.46 4.71 -26.02
C LYS A 136 -28.83 6.17 -25.71
N LEU A 137 -27.93 6.87 -25.06
CA LEU A 137 -28.18 8.24 -24.64
C LEU A 137 -27.74 9.22 -25.71
N GLY A 138 -27.18 8.73 -26.83
CA GLY A 138 -26.80 9.60 -27.95
C GLY A 138 -25.64 10.53 -27.59
N LEU A 139 -24.80 10.14 -26.62
CA LEU A 139 -23.66 10.99 -26.25
C LEU A 139 -22.54 10.88 -27.27
N GLU A 140 -21.76 11.94 -27.46
CA GLU A 140 -20.60 11.90 -28.33
C GLU A 140 -19.34 11.55 -27.58
N THR A 141 -18.43 10.81 -28.22
CA THR A 141 -17.12 10.52 -27.60
C THR A 141 -16.02 10.94 -28.57
N LYS A 142 -14.82 11.11 -28.05
CA LYS A 142 -13.66 11.37 -28.89
C LYS A 142 -12.41 10.66 -28.38
N PRO A 143 -11.45 10.38 -29.27
CA PRO A 143 -10.22 9.70 -28.84
C PRO A 143 -9.55 10.44 -27.69
N PHE A 144 -9.06 9.69 -26.70
CA PHE A 144 -8.41 10.29 -25.59
C PHE A 144 -6.96 10.61 -26.01
N PRO A 145 -6.39 11.74 -25.55
CA PRO A 145 -5.07 12.24 -25.96
C PRO A 145 -3.98 11.44 -25.23
N ASN A 146 -3.95 10.13 -25.46
CA ASN A 146 -2.91 9.23 -24.93
C ASN A 146 -1.58 9.41 -25.67
N PRO A 147 -0.45 9.14 -25.04
CA PRO A 147 0.86 9.34 -25.64
C PRO A 147 1.02 8.40 -26.82
N LEU A 148 1.69 8.91 -27.87
CA LEU A 148 2.02 8.13 -29.09
C LEU A 148 0.80 7.61 -29.81
N THR A 149 -0.27 8.36 -29.77
CA THR A 149 -1.43 7.97 -30.53
C THR A 149 -1.69 9.16 -31.44
N PRO A 150 -2.53 8.96 -32.46
CA PRO A 150 -3.01 10.03 -33.32
C PRO A 150 -3.70 11.19 -32.59
N ALA A 151 -4.30 10.96 -31.41
CA ALA A 151 -4.93 12.01 -30.67
C ALA A 151 -3.91 12.89 -29.93
N SER A 152 -2.65 12.47 -29.87
CA SER A 152 -1.63 13.27 -29.23
C SER A 152 -0.53 13.63 -30.28
N ARG A 153 -0.16 14.89 -30.36
CA ARG A 153 0.86 15.38 -31.34
C ARG A 153 2.28 14.97 -30.97
N SER A 154 2.57 14.93 -29.69
CA SER A 154 3.89 14.72 -29.27
C SER A 154 3.87 14.24 -27.84
N THR A 155 4.94 13.55 -27.44
CA THR A 155 5.13 13.08 -26.09
C THR A 155 6.49 13.45 -25.71
N VAL A 156 6.61 13.75 -24.42
CA VAL A 156 7.87 13.94 -23.80
C VAL A 156 7.94 13.00 -22.62
N ILE A 157 9.04 12.29 -22.56
CA ILE A 157 9.43 11.41 -21.48
C ILE A 157 10.59 12.06 -20.76
N ASP A 158 10.50 12.15 -19.44
CA ASP A 158 11.52 12.73 -18.62
C ASP A 158 11.93 11.78 -17.52
N LEU A 159 13.16 11.29 -17.63
CA LEU A 159 13.64 10.18 -16.78
C LEU A 159 15.03 10.43 -16.25
N GLU A 160 15.21 10.20 -14.95
CA GLU A 160 16.45 10.52 -14.25
C GLU A 160 17.14 11.78 -14.81
N GLY A 161 16.40 12.89 -14.87
CA GLY A 161 16.97 14.16 -15.31
C GLY A 161 17.15 14.33 -16.82
N GLN A 162 16.88 13.30 -17.62
CA GLN A 162 16.93 13.56 -19.07
C GLN A 162 15.61 13.52 -19.83
N THR A 163 15.51 14.35 -20.88
CA THR A 163 14.28 14.55 -21.62
C THR A 163 14.32 13.99 -23.03
N TYR A 164 13.26 13.26 -23.44
CA TYR A 164 13.16 12.72 -24.80
C TYR A 164 11.90 13.16 -25.38
N TYR A 165 12.01 13.78 -26.54
CA TYR A 165 10.90 14.30 -27.27
C TYR A 165 10.58 13.33 -28.36
N ALA A 166 9.30 13.14 -28.64
CA ALA A 166 8.90 12.17 -29.65
C ALA A 166 7.59 12.49 -30.22
N GLU A 167 7.51 12.43 -31.54
CA GLU A 167 6.25 12.66 -32.20
C GLU A 167 5.71 11.33 -32.72
N LYS A 168 6.58 10.32 -32.75
CA LYS A 168 6.21 8.91 -33.05
C LYS A 168 7.06 7.96 -32.24
N ALA A 169 6.62 6.71 -32.03
CA ALA A 169 7.43 5.78 -31.20
C ALA A 169 8.91 5.65 -31.65
N ALA A 170 9.18 5.79 -32.95
CA ALA A 170 10.54 5.57 -33.49
C ALA A 170 11.54 6.71 -33.14
N ASP A 171 11.02 7.85 -32.66
CA ASP A 171 11.86 8.97 -32.27
C ASP A 171 12.50 8.68 -30.99
N LEU A 172 11.95 7.72 -30.22
CA LEU A 172 12.50 7.46 -28.90
C LEU A 172 13.80 6.66 -29.07
N PRO A 173 14.74 6.82 -28.16
CA PRO A 173 15.92 5.98 -28.28
C PRO A 173 15.63 4.47 -28.15
N ALA A 174 16.61 3.64 -28.52
CA ALA A 174 16.38 2.19 -28.70
C ALA A 174 15.94 1.47 -27.42
N LEU A 175 16.29 2.03 -26.28
CA LEU A 175 15.91 1.46 -25.00
C LEU A 175 14.39 1.21 -24.92
N PHE A 176 13.59 2.12 -25.50
CA PHE A 176 12.12 2.05 -25.44
C PHE A 176 11.57 0.89 -26.30
N GLN A 177 12.11 0.75 -27.50
CA GLN A 177 11.72 -0.35 -28.34
C GLN A 177 12.16 -1.70 -27.70
N GLU A 178 13.29 -1.73 -26.99
CA GLU A 178 13.68 -2.99 -26.34
C GLU A 178 12.71 -3.38 -25.20
N VAL A 179 12.29 -2.40 -24.41
CA VAL A 179 11.33 -2.67 -23.38
C VAL A 179 10.00 -3.15 -24.01
N THR A 180 9.58 -2.46 -25.06
CA THR A 180 8.37 -2.87 -25.78
C THR A 180 8.43 -4.32 -26.27
N ASP A 181 9.53 -4.69 -26.90
CA ASP A 181 9.68 -6.07 -27.43
C ASP A 181 9.72 -7.08 -26.29
N ALA A 182 10.34 -6.70 -25.17
CA ALA A 182 10.45 -7.61 -24.05
C ALA A 182 9.07 -7.92 -23.47
N TRP A 183 8.28 -6.86 -23.26
CA TRP A 183 6.94 -7.02 -22.71
C TRP A 183 6.04 -7.88 -23.60
N ALA A 184 6.07 -7.60 -24.89
CA ALA A 184 5.36 -8.43 -25.92
C ALA A 184 5.80 -9.93 -25.87
N ASP A 185 7.14 -10.13 -25.78
CA ASP A 185 7.71 -11.52 -25.72
C ASP A 185 7.34 -12.22 -24.45
N ALA A 186 7.35 -11.46 -23.34
CA ALA A 186 6.93 -12.01 -22.06
C ALA A 186 5.50 -12.47 -22.04
N LEU A 187 4.62 -11.64 -22.60
CA LEU A 187 3.18 -11.99 -22.67
C LEU A 187 2.91 -13.12 -23.64
N GLU A 188 3.53 -13.03 -24.81
CA GLU A 188 3.46 -14.09 -25.82
C GLU A 188 3.94 -15.43 -25.27
N SER A 189 5.16 -15.47 -24.77
CA SER A 189 5.79 -16.64 -24.11
C SER A 189 5.13 -17.15 -22.86
N GLY A 190 4.78 -16.27 -21.94
CA GLY A 190 4.30 -16.71 -20.67
C GLY A 190 2.79 -16.86 -20.63
N ALA A 191 2.04 -16.25 -21.58
CA ALA A 191 0.59 -16.40 -21.43
C ALA A 191 -0.19 -16.75 -22.72
N ARG A 192 0.50 -17.04 -23.82
CA ARG A 192 -0.11 -17.21 -25.16
C ARG A 192 -1.08 -16.07 -25.52
N PHE A 193 -0.55 -14.84 -25.44
CA PHE A 193 -1.34 -13.64 -25.61
C PHE A 193 -1.98 -13.58 -27.00
N GLY A 194 -1.19 -13.90 -28.03
CA GLY A 194 -1.72 -13.90 -29.43
C GLY A 194 -2.91 -14.85 -29.60
N ASP A 195 -2.79 -16.07 -29.09
CA ASP A 195 -3.88 -17.06 -29.16
C ASP A 195 -5.11 -16.68 -28.34
N ILE A 196 -4.88 -16.09 -27.17
CA ILE A 196 -6.03 -15.67 -26.39
C ILE A 196 -6.74 -14.52 -27.08
N GLN A 197 -5.97 -13.52 -27.59
CA GLN A 197 -6.68 -12.46 -28.24
C GLN A 197 -7.44 -12.97 -29.46
N GLN A 198 -6.90 -13.98 -30.13
CA GLN A 198 -7.63 -14.43 -31.31
C GLN A 198 -8.95 -15.09 -30.86
N ALA A 199 -8.90 -15.83 -29.76
CA ALA A 199 -10.10 -16.53 -29.22
C ALA A 199 -11.13 -15.47 -28.78
N ILE A 200 -10.61 -14.37 -28.21
CA ILE A 200 -11.48 -13.19 -27.91
C ILE A 200 -12.14 -12.62 -29.17
N ARG A 201 -11.34 -12.28 -30.19
CA ARG A 201 -11.92 -11.74 -31.41
C ARG A 201 -13.01 -12.68 -31.99
N ASP A 202 -12.70 -13.97 -32.04
CA ASP A 202 -13.61 -15.01 -32.60
C ASP A 202 -14.76 -15.30 -31.62
N ARG A 203 -14.67 -14.85 -30.37
CA ARG A 203 -15.67 -15.30 -29.37
C ARG A 203 -15.82 -16.86 -29.34
N ASP A 204 -14.67 -17.51 -29.37
CA ASP A 204 -14.62 -18.94 -29.29
C ASP A 204 -14.45 -19.38 -27.84
N VAL A 205 -15.55 -19.74 -27.20
CA VAL A 205 -15.59 -19.93 -25.76
C VAL A 205 -14.75 -21.13 -25.29
N PRO A 206 -14.93 -22.33 -25.89
CA PRO A 206 -14.08 -23.47 -25.47
C PRO A 206 -12.60 -23.18 -25.63
N ARG A 207 -12.21 -22.58 -26.72
CA ARG A 207 -10.76 -22.28 -26.85
C ARG A 207 -10.26 -21.21 -25.86
N LEU A 208 -11.04 -20.16 -25.73
CA LEU A 208 -10.66 -19.11 -24.72
C LEU A 208 -10.53 -19.73 -23.33
N LYS A 209 -11.51 -20.54 -22.89
CA LYS A 209 -11.43 -21.11 -21.56
C LYS A 209 -10.31 -22.08 -21.39
N GLU A 210 -10.02 -22.90 -22.42
CA GLU A 210 -8.88 -23.82 -22.33
C GLU A 210 -7.54 -23.02 -22.13
N LEU A 211 -7.38 -21.92 -22.88
CA LEU A 211 -6.15 -21.13 -22.80
C LEU A 211 -6.09 -20.44 -21.43
N TRP A 212 -7.22 -19.90 -21.00
CA TRP A 212 -7.21 -19.09 -19.76
C TRP A 212 -7.10 -19.98 -18.49
N ASN A 213 -7.86 -21.10 -18.48
CA ASN A 213 -7.93 -21.92 -17.29
C ASN A 213 -6.54 -22.43 -16.91
N THR A 214 -5.71 -22.66 -17.90
CA THR A 214 -4.36 -23.13 -17.54
C THR A 214 -3.58 -22.04 -16.76
N LEU A 215 -3.88 -20.78 -17.03
CA LEU A 215 -3.17 -19.65 -16.38
C LEU A 215 -3.57 -19.35 -14.96
N VAL A 216 -4.83 -19.58 -14.63
CA VAL A 216 -5.39 -19.20 -13.31
C VAL A 216 -4.60 -19.81 -12.15
N PRO A 217 -4.45 -21.18 -12.12
CA PRO A 217 -3.76 -21.70 -10.93
C PRO A 217 -2.26 -21.34 -10.95
N LEU A 218 -1.66 -21.14 -12.14
CA LEU A 218 -0.25 -20.74 -12.24
C LEU A 218 0.05 -19.34 -11.72
N TRP A 219 -0.86 -18.40 -11.91
CA TRP A 219 -0.47 -16.99 -11.73
C TRP A 219 -1.29 -16.30 -10.71
N ASP A 220 -2.30 -16.97 -10.13
CA ASP A 220 -3.14 -16.36 -9.05
C ASP A 220 -2.18 -15.75 -8.00
N ASP A 221 -1.20 -16.50 -7.54
CA ASP A 221 -0.57 -16.06 -6.29
C ASP A 221 0.79 -15.47 -6.52
N ARG A 222 1.03 -15.14 -7.77
CA ARG A 222 2.24 -14.38 -8.14
C ARG A 222 1.92 -12.92 -8.57
N THR A 223 2.82 -11.99 -8.23
CA THR A 223 2.63 -10.59 -8.56
C THR A 223 3.07 -10.39 -10.03
N PHE A 224 2.64 -9.26 -10.56
CA PHE A 224 3.10 -8.71 -11.79
C PHE A 224 4.61 -8.40 -11.71
N TYR A 225 5.12 -7.97 -10.55
CA TYR A 225 6.60 -7.90 -10.25
C TYR A 225 7.26 -9.22 -10.67
N ASP A 226 6.81 -10.28 -10.00
CA ASP A 226 7.32 -11.62 -10.18
C ASP A 226 7.22 -12.03 -11.66
N PHE A 227 6.10 -11.74 -12.34
CA PHE A 227 5.93 -12.14 -13.75
C PHE A 227 7.02 -11.48 -14.58
N VAL A 228 7.21 -10.17 -14.42
CA VAL A 228 8.27 -9.43 -15.20
C VAL A 228 9.70 -9.89 -14.89
N ALA A 229 10.00 -9.94 -13.60
CA ALA A 229 11.31 -10.35 -13.13
C ALA A 229 11.71 -11.73 -13.68
N THR A 230 10.83 -12.74 -13.52
CA THR A 230 11.15 -14.10 -13.91
C THR A 230 10.97 -14.34 -15.42
N SER A 231 10.49 -13.38 -16.21
CA SER A 231 10.32 -13.65 -17.64
C SER A 231 11.66 -13.67 -18.32
N LYS A 232 11.85 -14.54 -19.35
CA LYS A 232 13.16 -14.66 -20.06
C LYS A 232 13.54 -13.34 -20.72
N ALA A 233 12.54 -12.71 -21.30
CA ALA A 233 12.79 -11.54 -22.10
C ALA A 233 13.32 -10.33 -21.28
N PHE A 234 12.81 -10.12 -20.08
CA PHE A 234 13.35 -9.00 -19.22
C PHE A 234 14.60 -9.43 -18.44
N ALA A 235 14.68 -10.73 -18.18
CA ALA A 235 15.73 -11.32 -17.33
C ALA A 235 17.09 -11.20 -17.97
N LYS A 236 17.10 -11.05 -19.29
CA LYS A 236 18.34 -10.92 -20.03
C LYS A 236 18.63 -9.51 -20.50
N LEU A 237 17.79 -8.57 -20.12
CA LEU A 237 18.06 -7.15 -20.29
C LEU A 237 18.62 -6.51 -18.99
N SER A 238 19.28 -5.37 -19.13
CA SER A 238 19.79 -4.66 -17.95
C SER A 238 18.68 -4.27 -16.95
N PHE A 239 19.05 -4.10 -15.68
CA PHE A 239 18.22 -3.49 -14.64
C PHE A 239 17.44 -2.25 -15.11
N GLN A 240 18.13 -1.30 -15.73
CA GLN A 240 17.50 -0.11 -16.30
C GLN A 240 16.19 -0.37 -17.07
N HIS A 241 16.11 -1.46 -17.85
CA HIS A 241 14.98 -1.74 -18.74
C HIS A 241 13.77 -1.99 -17.88
N ARG A 242 13.96 -2.74 -16.79
CA ARG A 242 12.87 -3.07 -15.89
C ARG A 242 12.44 -1.80 -15.17
N GLU A 243 13.39 -0.90 -14.89
CA GLU A 243 13.12 0.31 -14.15
C GLU A 243 12.32 1.30 -15.02
N VAL A 244 12.79 1.49 -16.26
CA VAL A 244 12.03 2.24 -17.24
C VAL A 244 10.60 1.69 -17.41
N PHE A 245 10.50 0.38 -17.56
CA PHE A 245 9.17 -0.23 -17.68
C PHE A 245 8.22 0.22 -16.55
N GLY A 246 8.66 0.10 -15.30
CA GLY A 246 7.89 0.62 -14.12
C GLY A 246 7.48 2.08 -14.18
N GLN A 247 8.42 2.94 -14.61
CA GLN A 247 8.19 4.42 -14.64
C GLN A 247 7.37 4.93 -15.80
N VAL A 248 7.70 4.53 -17.04
CA VAL A 248 7.03 5.13 -18.22
C VAL A 248 6.63 4.08 -19.27
N GLY A 249 6.88 2.81 -18.95
CA GLY A 249 6.57 1.64 -19.80
C GLY A 249 7.56 1.64 -20.96
N PHE A 250 7.06 1.29 -22.14
CA PHE A 250 7.80 1.55 -23.35
C PHE A 250 7.54 2.96 -23.97
N GLY A 251 7.05 3.93 -23.19
CA GLY A 251 6.75 5.28 -23.73
C GLY A 251 5.28 5.69 -23.74
N THR A 252 4.39 4.78 -23.29
CA THR A 252 2.93 5.02 -23.27
C THR A 252 2.32 4.99 -21.84
N GLY A 253 3.13 4.89 -20.79
CA GLY A 253 2.63 4.91 -19.42
C GLY A 253 3.33 3.82 -18.64
N GLY A 254 3.62 4.11 -17.38
CA GLY A 254 4.37 3.16 -16.53
C GLY A 254 3.45 2.12 -15.91
N TRP A 255 4.04 1.09 -15.36
CA TRP A 255 3.26 -0.04 -14.87
C TRP A 255 3.50 -0.22 -13.43
N ASP A 256 4.38 0.62 -12.83
CA ASP A 256 4.82 0.36 -11.43
C ASP A 256 3.69 0.35 -10.40
N SER A 257 2.60 1.06 -10.65
CA SER A 257 1.53 1.03 -9.65
C SER A 257 0.79 -0.31 -9.65
N ASP A 258 0.91 -1.09 -10.74
CA ASP A 258 0.33 -2.46 -10.75
C ASP A 258 1.27 -3.60 -10.37
N PHE A 259 2.54 -3.28 -10.20
CA PHE A 259 3.51 -4.30 -9.84
C PHE A 259 3.09 -5.24 -8.65
N PRO A 260 2.46 -4.72 -7.59
CA PRO A 260 2.13 -5.56 -6.43
C PRO A 260 0.92 -6.46 -6.68
N ASN A 261 0.17 -6.19 -7.73
CA ASN A 261 -1.14 -6.87 -7.92
C ASN A 261 -0.92 -8.29 -8.47
N SER A 262 -1.91 -9.17 -8.23
CA SER A 262 -1.96 -10.48 -8.87
C SER A 262 -1.75 -10.36 -10.37
N MET A 263 -0.88 -11.17 -10.94
CA MET A 263 -0.67 -11.08 -12.37
C MET A 263 -1.93 -11.43 -13.15
N LEU A 264 -2.84 -12.28 -12.60
CA LEU A 264 -4.09 -12.48 -13.38
C LEU A 264 -4.83 -11.18 -13.72
N GLU A 265 -4.80 -10.19 -12.84
CA GLU A 265 -5.51 -8.94 -13.10
C GLU A 265 -4.90 -8.25 -14.34
N ILE A 266 -3.59 -8.25 -14.38
CA ILE A 266 -2.88 -7.58 -15.47
C ILE A 266 -3.09 -8.30 -16.81
N PHE A 267 -3.01 -9.64 -16.81
CA PHE A 267 -3.46 -10.37 -18.01
C PHE A 267 -4.82 -9.91 -18.51
N ARG A 268 -5.84 -9.91 -17.62
CA ARG A 268 -7.23 -9.54 -18.03
C ARG A 268 -7.25 -8.18 -18.74
N VAL A 269 -6.51 -7.25 -18.17
CA VAL A 269 -6.47 -5.90 -18.70
C VAL A 269 -5.85 -5.81 -20.08
N VAL A 270 -4.65 -6.38 -20.26
CA VAL A 270 -3.99 -6.33 -21.59
C VAL A 270 -4.67 -7.21 -22.63
N MET A 271 -5.20 -8.37 -22.20
CA MET A 271 -5.82 -9.30 -23.15
C MET A 271 -7.11 -8.75 -23.79
N THR A 272 -7.81 -7.89 -23.05
CA THR A 272 -9.07 -7.28 -23.52
C THR A 272 -8.92 -5.79 -23.95
N ASN A 273 -7.68 -5.36 -24.09
CA ASN A 273 -7.41 -4.01 -24.64
C ASN A 273 -7.96 -2.91 -23.70
N CYS A 274 -7.91 -3.12 -22.38
CA CYS A 274 -8.44 -2.08 -21.51
C CYS A 274 -7.51 -0.88 -21.57
N ASP A 275 -6.26 -1.16 -21.82
CA ASP A 275 -5.26 -0.12 -21.69
C ASP A 275 -5.00 0.62 -22.98
N ASP A 276 -5.82 0.47 -24.02
CA ASP A 276 -5.61 1.20 -25.25
C ASP A 276 -6.89 1.44 -26.03
N HIS A 277 -6.82 2.21 -27.09
CA HIS A 277 -7.99 2.62 -27.83
C HIS A 277 -9.14 3.17 -26.94
N GLN A 278 -8.81 4.21 -26.22
CA GLN A 278 -9.69 4.82 -25.25
C GLN A 278 -10.32 6.11 -25.77
N HIS A 279 -11.54 6.42 -25.37
CA HIS A 279 -12.22 7.65 -25.75
C HIS A 279 -12.67 8.35 -24.51
N LEU A 280 -12.80 9.67 -24.57
CA LEU A 280 -13.46 10.42 -23.48
C LEU A 280 -14.89 10.73 -23.89
N VAL A 281 -15.79 10.95 -22.91
CA VAL A 281 -17.14 11.35 -23.26
C VAL A 281 -17.17 12.89 -23.35
N VAL A 282 -17.65 13.43 -24.47
CA VAL A 282 -17.64 14.91 -24.68
C VAL A 282 -18.69 15.54 -23.74
N GLY A 283 -18.32 16.54 -22.95
CA GLY A 283 -19.32 17.08 -21.99
C GLY A 283 -19.26 16.37 -20.61
N GLY A 284 -18.53 15.25 -20.48
CA GLY A 284 -18.22 14.68 -19.18
C GLY A 284 -18.96 13.32 -19.05
N VAL A 285 -18.27 12.29 -18.58
CA VAL A 285 -18.88 10.91 -18.46
C VAL A 285 -19.98 10.91 -17.41
N GLU A 286 -20.02 11.94 -16.53
CA GLU A 286 -21.10 11.96 -15.58
C GLU A 286 -22.45 12.02 -16.30
N GLN A 287 -22.46 12.46 -17.54
CA GLN A 287 -23.73 12.48 -18.26
C GLN A 287 -24.32 11.08 -18.42
N VAL A 288 -23.47 10.04 -18.31
CA VAL A 288 -23.99 8.66 -18.49
C VAL A 288 -24.93 8.31 -17.34
N PRO A 289 -24.46 8.42 -16.07
CA PRO A 289 -25.42 8.07 -15.01
C PRO A 289 -26.54 9.08 -14.86
N GLN A 290 -26.22 10.38 -15.01
CA GLN A 290 -27.30 11.41 -14.96
C GLN A 290 -28.34 11.17 -16.08
N GLY A 291 -27.86 10.71 -17.24
CA GLY A 291 -28.79 10.47 -18.36
C GLY A 291 -29.63 9.20 -18.13
N ILE A 292 -28.99 8.17 -17.58
CA ILE A 292 -29.71 6.90 -17.30
C ILE A 292 -30.86 7.18 -16.33
N TRP A 293 -30.58 8.04 -15.36
CA TRP A 293 -31.58 8.46 -14.40
C TRP A 293 -32.84 9.04 -15.05
N ARG A 294 -32.63 9.84 -16.08
CA ARG A 294 -33.76 10.58 -16.73
C ARG A 294 -34.33 9.94 -17.99
N HIS A 295 -33.69 8.91 -18.51
CA HIS A 295 -34.04 8.30 -19.76
C HIS A 295 -35.33 7.48 -19.79
N VAL A 296 -36.15 7.71 -20.79
CA VAL A 296 -37.40 6.95 -20.94
C VAL A 296 -37.01 5.73 -21.83
N PRO A 297 -37.18 4.50 -21.29
CA PRO A 297 -36.73 3.30 -22.11
C PRO A 297 -37.49 3.08 -23.42
N GLU A 298 -36.95 2.28 -24.32
CA GLU A 298 -37.62 2.09 -25.63
C GLU A 298 -38.67 1.02 -25.53
N ARG A 299 -38.68 0.29 -24.40
CA ARG A 299 -39.74 -0.65 -24.01
C ARG A 299 -39.72 -0.81 -22.47
N CYS A 300 -40.88 -1.08 -21.89
CA CYS A 300 -41.01 -1.14 -20.44
C CYS A 300 -42.26 -1.94 -20.09
N ALA A 301 -42.17 -2.94 -19.22
CA ALA A 301 -43.37 -3.63 -18.64
C ALA A 301 -44.00 -2.82 -17.51
N HIS A 302 -45.32 -2.98 -17.32
CA HIS A 302 -46.04 -2.40 -16.18
C HIS A 302 -46.24 -0.87 -16.20
N TRP A 303 -45.16 -0.11 -16.43
CA TRP A 303 -45.22 1.33 -16.09
C TRP A 303 -45.87 2.07 -17.18
N PRO A 304 -46.48 3.23 -16.86
CA PRO A 304 -47.01 4.13 -17.91
C PRO A 304 -45.93 4.57 -18.90
N GLU A 305 -46.31 4.76 -20.16
CA GLU A 305 -45.47 5.40 -21.13
C GLU A 305 -44.90 6.70 -20.53
N GLY A 306 -43.70 7.07 -20.97
CA GLY A 306 -42.94 8.19 -20.40
C GLY A 306 -42.28 7.98 -19.01
N THR A 307 -42.40 6.78 -18.37
CA THR A 307 -41.80 6.59 -17.04
C THR A 307 -40.24 6.54 -17.16
N SER A 308 -39.51 7.15 -16.20
CA SER A 308 -38.04 7.06 -16.09
C SER A 308 -37.73 6.72 -14.63
N LEU A 309 -36.48 6.29 -14.34
CA LEU A 309 -36.07 6.17 -12.90
C LEU A 309 -36.42 7.44 -12.12
N SER A 310 -36.10 8.55 -12.72
CA SER A 310 -36.41 9.82 -12.02
C SER A 310 -37.90 10.00 -11.75
N SER A 311 -38.78 9.82 -12.74
CA SER A 311 -40.22 9.91 -12.39
C SER A 311 -40.69 8.94 -11.30
N LEU A 312 -40.26 7.66 -11.35
CA LEU A 312 -40.66 6.67 -10.34
C LEU A 312 -40.26 7.07 -8.95
N HIS A 313 -39.19 7.81 -8.85
CA HIS A 313 -38.66 8.17 -7.56
C HIS A 313 -39.22 9.52 -7.09
N GLY A 314 -40.06 10.14 -7.88
CA GLY A 314 -40.39 11.57 -7.61
C GLY A 314 -39.16 12.50 -7.62
N GLY A 315 -38.14 12.19 -8.44
CA GLY A 315 -37.00 13.11 -8.66
C GLY A 315 -35.59 12.79 -8.14
N ALA A 316 -35.50 12.13 -6.99
CA ALA A 316 -34.21 11.95 -6.34
C ALA A 316 -34.20 10.54 -5.74
N PRO A 317 -33.00 9.91 -5.64
CA PRO A 317 -32.80 8.67 -4.85
C PRO A 317 -33.00 8.99 -3.41
N ARG A 318 -33.28 7.96 -2.61
CA ARG A 318 -33.37 8.11 -1.17
C ARG A 318 -32.01 8.35 -0.65
N THR A 319 -31.91 8.64 0.64
CA THR A 319 -30.61 9.02 1.21
C THR A 319 -29.72 7.77 1.44
N GLY A 320 -28.60 7.97 2.13
CA GLY A 320 -27.65 6.93 2.55
C GLY A 320 -28.28 5.78 3.35
N VAL A 321 -27.79 4.55 3.10
CA VAL A 321 -28.26 3.38 3.87
C VAL A 321 -27.37 3.18 5.07
N LYS A 322 -27.96 2.82 6.23
CA LYS A 322 -27.14 2.60 7.43
C LYS A 322 -27.15 1.16 7.90
N ARG A 323 -28.26 0.48 7.63
CA ARG A 323 -28.44 -0.89 8.09
C ARG A 323 -29.25 -1.75 7.07
N ILE A 324 -28.86 -3.01 6.95
CA ILE A 324 -29.61 -4.02 6.14
C ILE A 324 -29.76 -5.24 7.09
N ALA A 325 -30.94 -5.80 7.16
CA ALA A 325 -31.20 -6.87 8.19
C ALA A 325 -32.29 -7.76 7.64
N ARG A 326 -32.48 -8.96 8.19
CA ARG A 326 -33.59 -9.81 7.75
C ARG A 326 -34.77 -9.57 8.69
N ALA A 327 -35.89 -9.17 8.14
CA ALA A 327 -37.09 -8.79 8.91
C ALA A 327 -37.91 -10.08 9.24
N SER A 328 -38.84 -10.04 10.22
CA SER A 328 -39.47 -11.32 10.67
C SER A 328 -40.50 -11.79 9.64
N ASP A 329 -40.93 -10.93 8.73
CA ASP A 329 -41.76 -11.37 7.59
C ASP A 329 -40.91 -12.06 6.47
N GLY A 330 -39.60 -12.27 6.70
CA GLY A 330 -38.72 -12.92 5.68
C GLY A 330 -38.14 -11.93 4.65
N ARG A 331 -38.63 -10.70 4.69
CA ARG A 331 -38.10 -9.69 3.73
C ARG A 331 -36.84 -9.02 4.28
N LEU A 332 -36.16 -8.22 3.45
CA LEU A 332 -34.98 -7.49 3.90
C LEU A 332 -35.40 -6.07 4.32
N ALA A 333 -34.90 -5.64 5.45
CA ALA A 333 -35.26 -4.34 6.06
C ALA A 333 -34.05 -3.39 5.78
N VAL A 334 -34.33 -2.25 5.16
CA VAL A 334 -33.23 -1.33 4.79
C VAL A 334 -33.53 -0.06 5.60
N THR A 335 -32.62 0.29 6.48
CA THR A 335 -32.81 1.47 7.34
C THR A 335 -31.87 2.58 6.79
N ASP A 336 -32.43 3.73 6.44
CA ASP A 336 -31.62 4.86 5.99
C ASP A 336 -30.92 5.68 7.10
N ASN A 337 -30.09 6.68 6.71
CA ASN A 337 -29.31 7.43 7.70
C ASN A 337 -30.22 8.11 8.76
N TRP A 338 -31.46 8.43 8.41
CA TRP A 338 -32.33 9.15 9.37
C TRP A 338 -33.28 8.21 10.06
N GLY A 339 -33.04 6.90 9.93
CA GLY A 339 -33.72 5.89 10.73
C GLY A 339 -34.99 5.34 10.16
N ASP A 340 -35.34 5.78 8.94
CA ASP A 340 -36.50 5.25 8.21
C ASP A 340 -36.29 3.82 7.71
N CYS A 341 -37.19 2.88 8.06
CA CYS A 341 -36.91 1.48 7.76
C CYS A 341 -37.93 1.02 6.74
N ARG A 342 -37.51 0.36 5.66
CA ARG A 342 -38.47 -0.10 4.66
C ARG A 342 -38.09 -1.53 4.26
N HIS A 343 -39.10 -2.28 3.83
CA HIS A 343 -38.94 -3.74 3.57
C HIS A 343 -38.89 -4.00 2.10
N TYR A 344 -38.07 -4.98 1.67
CA TYR A 344 -37.98 -5.29 0.23
C TYR A 344 -37.76 -6.79 0.05
N ALA A 345 -38.27 -7.36 -1.01
CA ALA A 345 -38.04 -8.80 -1.26
C ALA A 345 -36.62 -9.01 -1.80
N ALA A 346 -35.96 -7.94 -2.36
CA ALA A 346 -34.58 -8.13 -2.77
C ALA A 346 -33.79 -6.82 -2.56
N VAL A 347 -32.50 -6.91 -2.31
CA VAL A 347 -31.69 -5.66 -2.12
C VAL A 347 -30.47 -5.91 -2.94
N LEU A 348 -30.09 -4.92 -3.76
CA LEU A 348 -28.80 -5.03 -4.42
C LEU A 348 -27.85 -3.94 -3.85
N THR A 349 -26.64 -4.31 -3.45
CA THR A 349 -25.64 -3.33 -3.00
C THR A 349 -24.56 -3.09 -4.05
N THR A 350 -24.23 -1.84 -4.29
CA THR A 350 -23.20 -1.49 -5.26
C THR A 350 -22.10 -0.55 -4.75
N CYS A 351 -22.16 -0.20 -3.46
CA CYS A 351 -21.03 0.59 -2.89
C CYS A 351 -19.84 -0.29 -2.86
N GLN A 352 -18.64 0.30 -2.77
CA GLN A 352 -17.42 -0.44 -2.63
C GLN A 352 -17.70 -1.47 -1.55
N SER A 353 -17.36 -2.73 -1.84
CA SER A 353 -18.07 -3.82 -1.10
C SER A 353 -17.52 -3.95 0.29
N TRP A 354 -16.36 -3.39 0.55
CA TRP A 354 -15.86 -3.38 1.92
C TRP A 354 -16.67 -2.56 2.92
N LEU A 355 -17.43 -1.59 2.45
CA LEU A 355 -18.31 -0.80 3.33
C LEU A 355 -19.40 -1.68 4.01
N LEU A 356 -19.68 -2.85 3.40
CA LEU A 356 -20.66 -3.79 3.96
C LEU A 356 -20.19 -4.37 5.27
N THR A 357 -18.90 -4.28 5.49
CA THR A 357 -18.27 -4.82 6.69
C THR A 357 -18.17 -3.82 7.81
N THR A 358 -18.35 -2.53 7.51
CA THR A 358 -18.06 -1.41 8.46
C THR A 358 -19.13 -0.34 8.49
N GLN A 359 -19.14 0.54 7.49
CA GLN A 359 -20.08 1.66 7.48
C GLN A 359 -21.51 1.17 7.48
N ILE A 360 -21.79 0.14 6.72
CA ILE A 360 -23.16 -0.33 6.70
C ILE A 360 -23.21 -1.46 7.69
N ASP A 361 -24.21 -1.39 8.56
CA ASP A 361 -24.45 -2.45 9.53
C ASP A 361 -25.25 -3.51 8.78
N CYS A 362 -24.56 -4.51 8.23
CA CYS A 362 -25.23 -5.54 7.47
C CYS A 362 -25.28 -6.85 8.28
N GLU A 363 -26.48 -7.31 8.62
CA GLU A 363 -26.73 -8.51 9.46
C GLU A 363 -25.89 -9.70 9.09
N GLU A 364 -25.22 -10.26 10.10
CA GLU A 364 -24.39 -11.45 9.85
C GLU A 364 -25.03 -12.55 9.02
N SER A 365 -26.27 -12.93 9.35
CA SER A 365 -26.91 -14.08 8.73
C SER A 365 -27.17 -13.85 7.21
N LEU A 366 -26.88 -12.63 6.71
CA LEU A 366 -27.14 -12.33 5.27
C LEU A 366 -26.14 -12.88 4.26
N PHE A 367 -24.93 -13.16 4.71
CA PHE A 367 -23.86 -13.81 3.91
C PHE A 367 -23.33 -15.08 4.62
N SER A 368 -22.89 -16.05 3.83
CA SER A 368 -22.16 -17.13 4.40
C SER A 368 -20.89 -16.66 5.06
N GLN A 369 -20.34 -17.50 5.92
CA GLN A 369 -18.98 -17.29 6.42
C GLN A 369 -17.93 -17.05 5.35
N LYS A 370 -17.97 -17.86 4.30
CA LYS A 370 -16.97 -17.67 3.22
C LYS A 370 -17.14 -16.34 2.45
N MET A 371 -18.39 -15.93 2.27
CA MET A 371 -18.68 -14.65 1.59
C MET A 371 -18.17 -13.56 2.49
N TRP A 372 -18.45 -13.63 3.80
CA TRP A 372 -17.83 -12.62 4.74
C TRP A 372 -16.37 -12.51 4.65
N MET A 373 -15.66 -13.65 4.55
CA MET A 373 -14.21 -13.62 4.45
C MET A 373 -13.77 -12.95 3.15
N ALA A 374 -14.46 -13.24 2.03
CA ALA A 374 -14.10 -12.59 0.75
C ALA A 374 -14.31 -11.06 0.89
N LEU A 375 -15.48 -10.67 1.42
CA LEU A 375 -15.87 -9.25 1.62
C LEU A 375 -14.89 -8.47 2.48
N ASP A 376 -14.47 -9.13 3.56
CA ASP A 376 -13.45 -8.50 4.47
C ASP A 376 -12.10 -8.23 3.86
N ARG A 377 -11.74 -8.97 2.82
CA ARG A 377 -10.37 -8.97 2.34
C ARG A 377 -9.96 -7.94 1.29
N THR A 378 -10.90 -7.23 0.71
CA THR A 378 -10.57 -6.35 -0.39
C THR A 378 -9.67 -5.22 0.07
N ARG A 379 -8.67 -4.85 -0.75
CA ARG A 379 -7.85 -3.64 -0.47
C ARG A 379 -7.84 -2.70 -1.66
N TYR A 380 -7.67 -1.39 -1.41
CA TYR A 380 -7.95 -0.37 -2.45
C TYR A 380 -6.74 0.45 -2.80
N MET A 381 -6.69 0.89 -4.05
CA MET A 381 -5.58 1.71 -4.55
C MET A 381 -6.00 3.17 -4.46
N GLN A 382 -5.03 4.08 -4.33
CA GLN A 382 -5.35 5.49 -4.06
C GLN A 382 -4.92 6.27 -5.26
N SER A 383 -5.56 7.41 -5.48
CA SER A 383 -5.37 8.20 -6.68
C SER A 383 -5.43 9.69 -6.36
N SER A 384 -4.68 10.48 -7.12
CA SER A 384 -4.86 11.92 -7.14
C SER A 384 -4.75 12.47 -8.60
N LYS A 385 -5.60 13.44 -8.95
CA LYS A 385 -5.53 14.16 -10.23
C LYS A 385 -5.74 15.61 -9.93
N THR A 386 -5.02 16.49 -10.62
CA THR A 386 -5.29 17.94 -10.52
C THR A 386 -5.35 18.53 -11.92
N PHE A 387 -6.34 19.35 -12.16
CA PHE A 387 -6.62 19.93 -13.48
C PHE A 387 -6.62 21.48 -13.43
N VAL A 388 -6.10 22.10 -14.48
CA VAL A 388 -6.33 23.52 -14.70
C VAL A 388 -6.91 23.69 -16.09
N MET A 389 -7.59 24.81 -16.29
CA MET A 389 -8.11 25.22 -17.54
C MET A 389 -7.08 26.27 -18.09
N VAL A 390 -6.91 26.29 -19.40
CA VAL A 390 -5.99 27.33 -19.98
C VAL A 390 -6.82 28.08 -21.02
N ASP A 391 -6.37 29.30 -21.40
CA ASP A 391 -7.08 30.16 -22.33
C ASP A 391 -7.19 29.57 -23.73
N ARG A 392 -6.17 28.85 -24.19
CA ARG A 392 -6.25 28.20 -25.51
C ARG A 392 -5.29 27.01 -25.53
N PRO A 393 -5.37 26.18 -26.60
CA PRO A 393 -4.44 25.04 -26.63
C PRO A 393 -3.04 25.41 -27.09
N PHE A 394 -2.30 26.13 -26.26
CA PHE A 394 -1.08 26.81 -26.66
C PHE A 394 0.06 25.86 -26.93
N TRP A 395 -0.09 24.63 -26.43
CA TRP A 395 0.99 23.65 -26.48
C TRP A 395 1.23 23.20 -27.90
N LYS A 396 0.21 23.45 -28.72
CA LYS A 396 0.21 23.22 -30.17
C LYS A 396 1.09 24.21 -30.93
N ASP A 397 1.54 25.29 -30.28
CA ASP A 397 2.47 26.26 -30.88
C ASP A 397 3.80 25.60 -31.03
N LYS A 398 4.50 25.91 -32.11
CA LYS A 398 5.85 25.42 -32.29
C LYS A 398 6.86 26.37 -31.73
N ASP A 399 7.89 25.83 -31.11
CA ASP A 399 9.05 26.59 -30.81
C ASP A 399 9.84 26.57 -32.15
N PRO A 400 9.96 27.74 -32.78
CA PRO A 400 10.66 27.94 -34.07
C PRO A 400 12.04 27.30 -34.09
N GLU A 401 12.81 27.48 -33.01
CA GLU A 401 14.13 26.84 -32.80
C GLU A 401 14.17 25.32 -32.93
N THR A 402 13.77 24.63 -31.86
CA THR A 402 13.92 23.17 -31.76
C THR A 402 12.97 22.37 -32.65
N GLY A 403 11.95 23.03 -33.21
CA GLY A 403 10.85 22.34 -33.93
C GLY A 403 9.92 21.55 -32.99
N ARG A 404 10.16 21.63 -31.69
CA ARG A 404 9.29 20.92 -30.69
C ARG A 404 7.99 21.71 -30.39
N ASP A 405 6.89 21.01 -30.17
CA ASP A 405 5.71 21.61 -29.51
C ASP A 405 6.12 22.28 -28.23
N LEU A 406 5.39 23.33 -27.82
CA LEU A 406 5.66 24.06 -26.61
C LEU A 406 5.46 23.17 -25.39
N MET A 407 4.50 22.26 -25.50
CA MET A 407 4.30 21.31 -24.43
C MET A 407 3.81 20.01 -25.05
N SER A 408 4.04 18.88 -24.39
CA SER A 408 3.51 17.58 -24.92
C SER A 408 2.82 16.81 -23.79
N MET A 409 2.22 15.66 -24.16
CA MET A 409 1.77 14.67 -23.13
C MET A 409 3.03 14.30 -22.46
N THR A 410 3.08 14.37 -21.13
CA THR A 410 4.35 14.30 -20.47
C THR A 410 4.34 13.11 -19.52
N LEU A 411 5.29 12.21 -19.72
CA LEU A 411 5.52 11.10 -18.75
C LEU A 411 6.80 11.26 -18.05
N THR A 412 6.80 11.07 -16.74
CA THR A 412 7.99 11.36 -16.00
C THR A 412 8.08 10.51 -14.78
N ASP A 413 9.31 10.41 -14.25
CA ASP A 413 9.53 9.85 -12.93
C ASP A 413 9.31 10.90 -11.83
N ARG A 414 9.08 12.17 -12.22
CA ARG A 414 8.86 13.25 -11.25
C ARG A 414 7.46 13.08 -10.62
N LEU A 415 7.08 13.99 -9.74
CA LEU A 415 5.92 13.86 -8.87
C LEU A 415 4.65 13.77 -9.74
N THR A 416 4.64 14.51 -10.83
CA THR A 416 3.44 14.65 -11.67
C THR A 416 3.02 13.33 -12.37
N ARG A 417 4.05 12.60 -12.82
CA ARG A 417 3.97 11.25 -13.41
C ARG A 417 3.36 11.30 -14.80
N GLY A 418 2.18 11.87 -14.95
CA GLY A 418 1.61 12.01 -16.29
C GLY A 418 0.88 13.31 -16.40
N THR A 419 0.98 13.98 -17.56
CA THR A 419 0.28 15.22 -17.82
C THR A 419 -0.43 15.09 -19.14
N TYR A 420 -1.73 15.36 -19.14
CA TYR A 420 -2.57 15.22 -20.34
C TYR A 420 -3.04 16.58 -20.86
N LEU A 421 -3.20 16.65 -22.18
CA LEU A 421 -3.59 17.90 -22.82
C LEU A 421 -4.83 17.71 -23.59
N PHE A 422 -5.89 18.45 -23.25
CA PHE A 422 -7.22 18.32 -23.90
C PHE A 422 -7.53 19.55 -24.77
N ASP A 423 -7.45 19.33 -26.06
CA ASP A 423 -7.84 20.29 -27.06
C ASP A 423 -9.35 20.30 -27.27
N ASN A 424 -9.95 21.47 -27.00
CA ASN A 424 -11.36 21.64 -27.32
C ASN A 424 -11.63 22.45 -28.63
N GLY A 425 -10.63 22.54 -29.52
CA GLY A 425 -10.72 23.41 -30.71
C GLY A 425 -9.98 24.71 -30.45
N ASP A 426 -9.44 25.34 -31.48
CA ASP A 426 -8.59 26.53 -31.28
C ASP A 426 -9.25 27.75 -30.63
N ASP A 427 -10.55 27.88 -30.85
CA ASP A 427 -11.36 29.03 -30.41
C ASP A 427 -11.96 28.83 -29.03
N LYS A 428 -11.56 27.77 -28.32
CA LYS A 428 -12.17 27.39 -27.02
C LYS A 428 -11.10 27.16 -25.94
N PRO A 429 -11.42 27.34 -24.65
CA PRO A 429 -10.41 27.05 -23.58
C PRO A 429 -9.92 25.56 -23.61
N GLY A 430 -8.67 25.32 -23.29
CA GLY A 430 -8.13 23.92 -23.22
C GLY A 430 -8.20 23.49 -21.77
N VAL A 431 -7.88 22.22 -21.51
CA VAL A 431 -7.77 21.77 -20.12
C VAL A 431 -6.53 20.97 -20.03
N ILE A 432 -5.81 21.12 -18.93
CA ILE A 432 -4.64 20.29 -18.68
C ILE A 432 -4.90 19.42 -17.43
N CYS A 433 -4.73 18.10 -17.57
CA CYS A 433 -4.61 17.26 -16.38
C CYS A 433 -3.13 17.26 -15.94
N LEU A 434 -2.78 18.11 -14.94
CA LEU A 434 -1.36 18.57 -14.69
C LEU A 434 -0.66 17.42 -14.09
N SER A 435 -1.44 16.57 -13.43
CA SER A 435 -0.86 15.48 -12.73
C SER A 435 -1.93 14.45 -12.56
N TYR A 436 -1.61 13.23 -12.99
CA TYR A 436 -2.34 12.03 -12.66
C TYR A 436 -1.38 11.03 -11.95
N ALA A 437 -1.41 10.93 -10.61
CA ALA A 437 -0.52 9.99 -9.89
C ALA A 437 -1.19 8.92 -8.94
N TRP A 438 -0.47 7.81 -8.65
CA TRP A 438 -1.03 6.65 -7.92
C TRP A 438 -0.40 6.33 -6.57
N HIS A 448 -2.42 18.38 1.63
CA HIS A 448 -2.05 19.31 0.56
C HIS A 448 -3.22 20.14 0.01
N PRO A 449 -3.24 21.48 0.23
CA PRO A 449 -4.28 22.22 -0.51
C PRO A 449 -4.11 22.06 -2.02
N VAL A 450 -5.21 22.24 -2.75
CA VAL A 450 -5.17 22.31 -4.21
C VAL A 450 -4.06 23.28 -4.71
N GLU A 451 -3.89 24.43 -4.04
CA GLU A 451 -2.93 25.46 -4.58
C GLU A 451 -1.51 24.94 -4.53
N LYS A 452 -1.17 24.24 -3.44
CA LYS A 452 0.15 23.68 -3.27
C LYS A 452 0.34 22.50 -4.28
N ARG A 453 -0.69 21.67 -4.45
CA ARG A 453 -0.65 20.63 -5.52
C ARG A 453 -0.32 21.26 -6.85
N VAL A 454 -1.08 22.28 -7.27
CA VAL A 454 -0.87 22.84 -8.61
C VAL A 454 0.53 23.45 -8.69
N GLN A 455 0.92 24.22 -7.65
CA GLN A 455 2.23 24.89 -7.65
C GLN A 455 3.38 23.88 -7.77
N LEU A 456 3.26 22.77 -7.05
CA LEU A 456 4.33 21.76 -7.07
C LEU A 456 4.43 21.13 -8.45
N ALA A 457 3.30 20.99 -9.17
CA ALA A 457 3.28 20.36 -10.50
C ALA A 457 3.84 21.33 -11.51
N LEU A 458 3.47 22.61 -11.36
CA LEU A 458 4.02 23.64 -12.25
C LEU A 458 5.55 23.77 -12.06
N ASP A 459 6.05 23.56 -10.83
CA ASP A 459 7.50 23.61 -10.60
C ASP A 459 8.18 22.41 -11.27
N ALA A 460 7.52 21.25 -11.23
CA ALA A 460 8.09 20.06 -11.88
C ALA A 460 8.07 20.26 -13.38
N LEU A 461 6.99 20.84 -13.90
CA LEU A 461 6.89 21.06 -15.36
C LEU A 461 7.87 22.12 -15.83
N LYS A 462 8.15 23.12 -14.99
CA LYS A 462 9.23 24.09 -15.30
C LYS A 462 10.59 23.41 -15.46
N LYS A 463 10.89 22.42 -14.61
CA LYS A 463 12.13 21.59 -14.73
C LYS A 463 12.21 20.85 -16.10
N ILE A 464 11.07 20.32 -16.54
CA ILE A 464 10.95 19.66 -17.86
C ILE A 464 10.87 20.60 -19.07
N TYR A 465 10.17 21.73 -18.92
CA TYR A 465 9.92 22.65 -20.01
C TYR A 465 10.45 24.02 -19.50
N PRO A 466 11.79 24.16 -19.35
CA PRO A 466 12.28 25.40 -18.69
C PRO A 466 11.98 26.68 -19.50
N LYS A 467 11.60 26.52 -20.77
CA LYS A 467 11.26 27.67 -21.67
C LYS A 467 9.79 27.97 -21.89
N THR A 468 8.88 27.13 -21.36
CA THR A 468 7.43 27.32 -21.60
C THR A 468 6.78 27.94 -20.36
N ASP A 469 5.96 28.95 -20.62
CA ASP A 469 5.25 29.67 -19.56
C ASP A 469 3.84 29.03 -19.46
N ILE A 470 3.71 27.98 -18.68
CA ILE A 470 2.37 27.34 -18.58
C ILE A 470 1.47 28.26 -17.73
N ALA A 471 1.99 28.66 -16.56
CA ALA A 471 1.26 29.48 -15.57
C ALA A 471 0.53 30.63 -16.23
N GLY A 472 1.19 31.33 -17.15
CA GLY A 472 0.57 32.46 -17.86
C GLY A 472 -0.63 32.22 -18.71
N HIS A 473 -0.94 30.95 -19.02
CA HIS A 473 -2.13 30.59 -19.78
C HIS A 473 -3.27 30.08 -18.89
N ILE A 474 -3.00 29.81 -17.63
CA ILE A 474 -4.05 29.23 -16.77
C ILE A 474 -5.11 30.30 -16.42
N ILE A 475 -6.39 29.90 -16.57
CA ILE A 475 -7.53 30.70 -16.09
C ILE A 475 -8.47 29.77 -15.31
N GLY A 476 -9.49 30.36 -14.68
CA GLY A 476 -10.46 29.62 -13.86
C GLY A 476 -9.86 29.09 -12.59
N ASP A 477 -10.58 28.15 -11.98
CA ASP A 477 -10.16 27.56 -10.72
C ASP A 477 -9.46 26.21 -10.97
N PRO A 478 -8.57 25.82 -10.04
CA PRO A 478 -7.90 24.53 -10.12
C PRO A 478 -8.87 23.53 -9.56
N ILE A 479 -8.93 22.36 -10.14
CA ILE A 479 -9.86 21.33 -9.62
C ILE A 479 -8.99 20.10 -9.25
N THR A 480 -9.11 19.61 -8.02
CA THR A 480 -8.35 18.44 -7.62
C THR A 480 -9.29 17.39 -7.02
N ILE A 481 -8.79 16.16 -6.94
CA ILE A 481 -9.60 15.08 -6.29
C ILE A 481 -8.63 14.09 -5.69
N SER A 482 -8.94 13.66 -4.47
CA SER A 482 -8.31 12.45 -3.90
C SER A 482 -9.46 11.55 -3.43
N TRP A 483 -9.56 10.34 -3.98
CA TRP A 483 -10.78 9.56 -3.70
C TRP A 483 -10.93 9.09 -2.24
N GLU A 484 -9.79 8.76 -1.64
CA GLU A 484 -9.66 8.39 -0.20
C GLU A 484 -10.24 9.41 0.79
N ALA A 485 -10.15 10.71 0.49
CA ALA A 485 -10.64 11.76 1.41
C ALA A 485 -12.17 11.78 1.70
N ASP A 486 -12.99 11.19 0.81
CA ASP A 486 -14.44 11.03 1.00
C ASP A 486 -14.76 9.73 1.77
N PRO A 487 -15.73 9.77 2.70
CA PRO A 487 -15.97 8.54 3.51
C PRO A 487 -16.88 7.41 2.90
N HIS A 488 -17.36 7.58 1.68
CA HIS A 488 -18.24 6.56 1.03
C HIS A 488 -17.50 5.82 -0.05
N PHE A 489 -16.19 5.86 0.11
CA PHE A 489 -15.19 5.37 -0.84
C PHE A 489 -13.96 5.11 0.02
N LEU A 490 -13.22 4.07 -0.38
CA LEU A 490 -12.00 3.61 0.27
C LEU A 490 -10.82 3.87 -0.63
N GLY A 491 -11.09 4.17 -1.89
CA GLY A 491 -10.00 4.48 -2.83
C GLY A 491 -10.58 4.64 -4.20
N ALA A 492 -9.73 4.81 -5.20
CA ALA A 492 -10.19 4.93 -6.60
C ALA A 492 -10.84 3.59 -7.09
N PHE A 493 -10.23 2.47 -6.71
CA PHE A 493 -10.73 1.09 -7.09
C PHE A 493 -9.87 0.05 -6.39
N LYS A 494 -10.28 -1.23 -6.33
CA LYS A 494 -9.37 -2.19 -5.69
C LYS A 494 -8.19 -2.53 -6.51
N GLY A 495 -7.17 -3.04 -5.81
CA GLY A 495 -6.02 -3.71 -6.48
C GLY A 495 -6.21 -5.20 -6.18
N ALA A 496 -6.15 -6.06 -7.21
CA ALA A 496 -6.34 -7.52 -6.98
C ALA A 496 -5.13 -8.10 -6.24
N LEU A 497 -5.35 -8.72 -5.09
CA LEU A 497 -4.23 -9.23 -4.26
C LEU A 497 -3.76 -10.61 -4.81
N PRO A 498 -2.43 -10.86 -4.84
CA PRO A 498 -1.98 -12.25 -5.14
C PRO A 498 -2.66 -13.24 -4.21
N GLY A 499 -3.12 -14.32 -4.80
CA GLY A 499 -3.81 -15.39 -4.03
C GLY A 499 -5.24 -15.19 -3.70
N HIS A 500 -5.87 -14.10 -4.20
CA HIS A 500 -7.24 -13.91 -3.88
C HIS A 500 -8.21 -14.36 -4.95
N TYR A 501 -7.76 -15.14 -5.90
CA TYR A 501 -8.67 -15.58 -6.95
C TYR A 501 -9.91 -16.29 -6.33
N ARG A 502 -9.70 -17.13 -5.31
CA ARG A 502 -10.84 -17.87 -4.67
C ARG A 502 -11.88 -16.91 -4.10
N TYR A 503 -11.44 -15.82 -3.46
CA TYR A 503 -12.41 -14.82 -2.97
C TYR A 503 -13.11 -14.14 -4.14
N ASN A 504 -12.35 -13.74 -5.13
CA ASN A 504 -12.88 -13.07 -6.34
C ASN A 504 -13.98 -13.95 -6.98
N GLN A 505 -13.68 -15.23 -7.07
CA GLN A 505 -14.54 -16.18 -7.71
C GLN A 505 -15.84 -16.35 -6.95
N ARG A 506 -15.76 -16.40 -5.63
CA ARG A 506 -16.97 -16.57 -4.84
C ARG A 506 -17.83 -15.29 -4.91
N MET A 507 -17.23 -14.08 -4.86
CA MET A 507 -18.03 -12.83 -4.95
C MET A 507 -18.66 -12.66 -6.34
N TYR A 508 -17.92 -13.00 -7.37
CA TYR A 508 -18.44 -12.90 -8.77
C TYR A 508 -19.65 -13.81 -8.99
N ALA A 509 -19.59 -15.00 -8.38
CA ALA A 509 -20.66 -16.00 -8.48
C ALA A 509 -21.85 -15.78 -7.52
N HIS A 510 -21.75 -14.80 -6.59
CA HIS A 510 -22.78 -14.64 -5.52
C HIS A 510 -24.16 -14.40 -6.10
N PHE A 511 -24.27 -13.81 -7.30
CA PHE A 511 -25.62 -13.69 -7.88
C PHE A 511 -26.38 -15.01 -8.21
N MET A 512 -25.64 -16.11 -8.26
CA MET A 512 -26.23 -17.47 -8.55
C MET A 512 -26.60 -18.11 -7.22
N GLN A 513 -27.90 -18.14 -6.91
CA GLN A 513 -28.34 -18.37 -5.51
C GLN A 513 -29.28 -19.61 -5.39
N ALA A 514 -29.40 -20.43 -6.46
CA ALA A 514 -30.11 -21.74 -6.36
C ALA A 514 -29.64 -22.63 -5.22
N GLN A 515 -28.36 -22.67 -4.94
CA GLN A 515 -27.82 -23.60 -3.92
C GLN A 515 -27.71 -23.02 -2.52
N MET A 516 -28.19 -21.80 -2.33
CA MET A 516 -27.87 -21.10 -1.08
C MET A 516 -29.00 -21.36 -0.11
N PRO A 517 -28.71 -21.39 1.20
CA PRO A 517 -29.87 -21.38 2.15
C PRO A 517 -30.74 -20.13 2.07
N VAL A 518 -32.03 -20.32 2.32
CA VAL A 518 -33.06 -19.26 2.25
C VAL A 518 -32.58 -17.95 2.85
N GLU A 519 -31.92 -18.03 3.99
CA GLU A 519 -31.53 -16.86 4.73
C GLU A 519 -30.47 -16.01 4.01
N GLN A 520 -29.83 -16.61 3.03
CA GLN A 520 -28.79 -15.90 2.29
C GLN A 520 -29.28 -15.47 0.91
N ARG A 521 -30.50 -15.80 0.51
CA ARG A 521 -31.02 -15.40 -0.79
C ARG A 521 -31.73 -14.07 -0.72
N GLY A 522 -31.56 -13.31 -1.78
CA GLY A 522 -32.38 -12.12 -1.96
C GLY A 522 -31.48 -10.87 -1.82
N ILE A 523 -30.31 -11.01 -1.27
CA ILE A 523 -29.34 -9.86 -1.24
C ILE A 523 -28.33 -10.15 -2.38
N PHE A 524 -27.89 -9.10 -3.08
CA PHE A 524 -27.05 -9.25 -4.23
C PHE A 524 -25.99 -8.15 -4.15
N ILE A 525 -24.88 -8.41 -4.79
CA ILE A 525 -23.77 -7.41 -4.86
C ILE A 525 -23.36 -7.17 -6.30
N ALA A 526 -22.89 -5.95 -6.65
CA ALA A 526 -22.38 -5.75 -8.00
C ALA A 526 -21.47 -4.52 -7.83
N GLY A 527 -20.75 -4.18 -8.87
CA GLY A 527 -19.86 -3.02 -8.78
C GLY A 527 -18.48 -3.40 -9.23
N ASP A 528 -17.60 -2.40 -9.41
CA ASP A 528 -16.30 -2.78 -9.97
C ASP A 528 -15.43 -3.71 -9.07
N ASP A 529 -15.55 -3.63 -7.73
CA ASP A 529 -14.75 -4.56 -6.83
C ASP A 529 -15.21 -6.00 -7.03
N VAL A 530 -16.46 -6.19 -7.41
CA VAL A 530 -17.04 -7.55 -7.68
C VAL A 530 -16.47 -8.14 -9.00
N SER A 531 -15.95 -7.29 -9.88
CA SER A 531 -15.66 -7.72 -11.22
C SER A 531 -14.21 -8.21 -11.39
N TRP A 532 -13.89 -8.73 -12.59
CA TRP A 532 -12.55 -9.20 -12.93
C TRP A 532 -11.67 -8.09 -13.48
N THR A 533 -12.30 -6.97 -13.81
CA THR A 533 -11.53 -5.77 -14.28
C THR A 533 -11.83 -4.60 -13.31
N PRO A 534 -11.30 -4.66 -12.09
CA PRO A 534 -11.71 -3.72 -11.07
C PRO A 534 -11.33 -2.25 -11.27
N ALA A 535 -10.35 -1.89 -12.11
CA ALA A 535 -10.19 -0.44 -12.35
C ALA A 535 -10.94 0.14 -13.63
N TRP A 536 -11.89 -0.61 -14.16
CA TRP A 536 -12.48 -0.31 -15.49
C TRP A 536 -13.96 -0.32 -15.38
N VAL A 537 -14.64 0.69 -15.91
CA VAL A 537 -16.08 0.77 -15.72
C VAL A 537 -16.88 -0.46 -16.29
N GLU A 538 -16.31 -1.11 -17.28
CA GLU A 538 -17.04 -2.28 -17.92
C GLU A 538 -17.29 -3.36 -16.84
N GLY A 539 -16.38 -3.50 -15.89
CA GLY A 539 -16.65 -4.43 -14.77
C GLY A 539 -17.81 -4.12 -13.87
N ALA A 540 -18.00 -2.84 -13.57
CA ALA A 540 -19.16 -2.40 -12.89
C ALA A 540 -20.43 -2.69 -13.70
N VAL A 541 -20.39 -2.43 -15.02
CA VAL A 541 -21.59 -2.72 -15.83
C VAL A 541 -21.91 -4.24 -15.89
N GLN A 542 -20.87 -5.04 -16.17
CA GLN A 542 -21.15 -6.50 -16.37
C GLN A 542 -21.68 -7.16 -15.04
N THR A 543 -21.01 -6.86 -13.92
CA THR A 543 -21.49 -7.43 -12.63
C THR A 543 -22.91 -6.95 -12.30
N SER A 544 -23.23 -5.70 -12.66
CA SER A 544 -24.57 -5.21 -12.49
C SER A 544 -25.57 -6.02 -13.33
N LEU A 545 -25.19 -6.32 -14.56
CA LEU A 545 -26.09 -7.14 -15.38
C LEU A 545 -26.25 -8.60 -14.87
N ASN A 546 -25.19 -9.19 -14.25
CA ASN A 546 -25.37 -10.51 -13.60
C ASN A 546 -26.37 -10.36 -12.47
N ALA A 547 -26.24 -9.28 -11.68
CA ALA A 547 -27.25 -9.04 -10.69
C ALA A 547 -28.68 -8.86 -11.17
N VAL A 548 -28.86 -8.15 -12.27
CA VAL A 548 -30.16 -8.01 -12.86
C VAL A 548 -30.72 -9.44 -13.14
N TRP A 549 -29.88 -10.28 -13.74
CA TRP A 549 -30.29 -11.69 -14.00
C TRP A 549 -30.74 -12.38 -12.73
N GLY A 550 -29.90 -12.29 -11.70
CA GLY A 550 -30.19 -12.87 -10.41
C GLY A 550 -31.43 -12.34 -9.73
N ILE A 551 -31.63 -11.02 -9.77
CA ILE A 551 -32.89 -10.42 -9.27
C ILE A 551 -34.12 -10.84 -10.09
N MET A 552 -34.00 -10.82 -11.42
CA MET A 552 -35.19 -11.28 -12.23
C MET A 552 -35.53 -12.76 -11.86
N ASN A 553 -34.48 -13.59 -11.76
CA ASN A 553 -34.66 -14.97 -11.27
C ASN A 553 -35.31 -15.05 -9.88
N HIS A 554 -34.84 -14.23 -8.95
CA HIS A 554 -35.43 -14.15 -7.59
C HIS A 554 -36.91 -13.88 -7.60
N PHE A 555 -37.38 -13.02 -8.49
CA PHE A 555 -38.78 -12.74 -8.58
C PHE A 555 -39.59 -13.73 -9.46
N GLY A 556 -38.98 -14.85 -9.81
CA GLY A 556 -39.65 -15.93 -10.60
C GLY A 556 -39.66 -15.65 -12.08
N GLY A 557 -38.86 -14.67 -12.53
CA GLY A 557 -38.75 -14.36 -13.93
C GLY A 557 -37.74 -15.27 -14.64
N LYS A 558 -37.63 -15.13 -15.95
CA LYS A 558 -36.60 -15.77 -16.73
C LYS A 558 -36.40 -15.02 -18.03
N THR A 559 -35.29 -15.36 -18.70
CA THR A 559 -34.96 -14.81 -19.98
C THR A 559 -35.80 -15.47 -21.04
N HIS A 560 -35.94 -14.83 -22.17
CA HIS A 560 -36.61 -15.38 -23.33
C HIS A 560 -35.75 -16.48 -23.92
N ALA A 561 -36.35 -17.50 -24.53
CA ALA A 561 -35.59 -18.66 -24.99
C ALA A 561 -34.62 -18.23 -26.08
N ASP A 562 -34.95 -17.20 -26.86
CA ASP A 562 -34.00 -16.75 -27.91
C ASP A 562 -32.93 -15.75 -27.46
N ASN A 563 -32.92 -15.39 -26.17
CA ASN A 563 -31.88 -14.43 -25.69
C ASN A 563 -31.41 -14.81 -24.28
N PRO A 564 -30.64 -15.92 -24.16
CA PRO A 564 -30.31 -16.37 -22.78
C PRO A 564 -29.41 -15.37 -22.07
N GLY A 565 -29.48 -15.31 -20.74
CA GLY A 565 -28.69 -14.31 -20.01
C GLY A 565 -27.60 -15.00 -19.19
N PRO A 566 -26.90 -14.21 -18.37
CA PRO A 566 -25.71 -14.70 -17.71
C PRO A 566 -26.00 -15.97 -16.84
N GLY A 567 -27.04 -15.93 -16.05
CA GLY A 567 -27.38 -17.04 -15.12
C GLY A 567 -27.72 -18.36 -15.86
N ASP A 568 -28.18 -18.23 -17.09
CA ASP A 568 -28.50 -19.42 -17.90
C ASP A 568 -27.29 -20.19 -18.37
N VAL A 569 -26.10 -19.56 -18.60
CA VAL A 569 -24.93 -20.27 -19.03
C VAL A 569 -23.80 -20.30 -17.96
N PHE A 570 -24.00 -19.64 -16.83
CA PHE A 570 -22.96 -19.51 -15.81
C PHE A 570 -22.30 -20.81 -15.32
N ASP A 571 -23.15 -21.79 -15.02
CA ASP A 571 -22.65 -23.03 -14.45
C ASP A 571 -21.71 -23.66 -15.45
N GLU A 572 -22.02 -23.58 -16.74
CA GLU A 572 -21.16 -24.22 -17.76
C GLU A 572 -19.87 -23.41 -18.09
N ILE A 573 -19.93 -22.10 -18.25
CA ILE A 573 -18.77 -21.37 -18.81
C ILE A 573 -18.23 -20.30 -17.82
N GLY A 574 -18.81 -20.29 -16.63
CA GLY A 574 -18.42 -19.32 -15.59
C GLY A 574 -17.01 -19.65 -15.03
N GLN A 575 -16.47 -18.87 -14.17
CA GLN A 575 -15.08 -19.08 -13.86
C GLN A 575 -14.88 -20.28 -13.05
N ILE A 576 -13.75 -20.87 -13.32
CA ILE A 576 -13.30 -22.05 -12.69
C ILE A 576 -13.17 -21.87 -11.17
N ALA A 577 -13.62 -22.85 -10.44
CA ALA A 577 -13.38 -22.91 -9.00
C ALA A 577 -12.09 -23.63 -8.74
N LEU A 578 -11.26 -23.08 -7.88
CA LEU A 578 -10.01 -23.82 -7.57
C LEU A 578 -10.28 -24.79 -6.38
N ALA A 579 -9.58 -25.92 -6.33
CA ALA A 579 -9.77 -26.83 -5.22
C ALA A 579 -9.00 -26.31 -3.98
N ASP A 580 -9.33 -26.88 -2.81
CA ASP A 580 -8.63 -26.57 -1.55
C ASP A 580 -7.14 -26.95 -1.56
N LYS B 32 25.05 -23.47 22.49
CA LYS B 32 25.28 -22.76 21.20
C LYS B 32 25.49 -21.25 21.43
N LYS B 33 26.33 -20.66 20.59
CA LYS B 33 26.63 -19.26 20.69
C LYS B 33 25.37 -18.54 20.18
N PRO B 34 25.04 -17.30 20.69
CA PRO B 34 23.70 -16.78 20.38
C PRO B 34 23.59 -16.29 18.92
N ILE B 35 22.37 -16.31 18.39
CA ILE B 35 22.09 -15.54 17.16
C ILE B 35 22.20 -14.05 17.43
N THR B 36 22.88 -13.29 16.55
CA THR B 36 22.91 -11.82 16.63
C THR B 36 22.60 -11.17 15.24
N ILE B 37 22.38 -9.86 15.22
CA ILE B 37 22.08 -9.21 13.95
C ILE B 37 23.51 -8.93 13.36
N PHE B 38 24.08 -10.00 12.82
CA PHE B 38 25.48 -9.98 12.41
C PHE B 38 25.37 -10.25 10.88
N GLY B 39 25.45 -9.18 10.09
CA GLY B 39 25.09 -9.32 8.67
C GLY B 39 23.59 -9.65 8.52
N PRO B 40 23.23 -10.41 7.47
CA PRO B 40 24.13 -11.08 6.55
C PRO B 40 24.84 -10.15 5.58
N ASP B 41 24.31 -8.94 5.38
CA ASP B 41 24.72 -8.14 4.25
C ASP B 41 26.08 -7.53 4.56
N PHE B 42 26.22 -7.00 5.78
CA PHE B 42 27.51 -6.53 6.29
C PHE B 42 27.82 -7.14 7.65
N PRO B 43 28.54 -8.28 7.69
CA PRO B 43 28.77 -9.01 8.95
C PRO B 43 29.89 -8.36 9.71
N PHE B 44 29.62 -7.17 10.23
CA PHE B 44 30.57 -6.46 11.06
C PHE B 44 30.15 -6.64 12.53
N ALA B 45 31.09 -6.91 13.45
CA ALA B 45 30.80 -6.99 14.89
C ALA B 45 30.71 -5.61 15.52
N PHE B 46 29.56 -4.97 15.35
CA PHE B 46 29.35 -3.59 15.96
C PHE B 46 29.54 -3.64 17.45
N ASP B 47 28.98 -4.68 18.06
CA ASP B 47 29.17 -4.92 19.47
C ASP B 47 30.63 -4.97 19.97
N ASP B 48 31.46 -5.81 19.34
CA ASP B 48 32.91 -5.88 19.65
C ASP B 48 33.52 -4.47 19.57
N TRP B 49 33.09 -3.72 18.55
CA TRP B 49 33.69 -2.45 18.21
C TRP B 49 33.37 -1.47 19.34
N LEU B 50 32.14 -1.52 19.84
CA LEU B 50 31.69 -0.61 20.90
C LEU B 50 32.36 -1.03 22.23
N GLU B 51 32.58 -2.33 22.37
CA GLU B 51 33.03 -2.89 23.67
C GLU B 51 34.52 -2.90 23.89
N HIS B 52 35.30 -2.95 22.85
CA HIS B 52 36.76 -2.95 22.94
C HIS B 52 37.26 -1.85 23.85
N PRO B 53 38.20 -2.16 24.74
CA PRO B 53 38.71 -1.09 25.65
C PRO B 53 39.43 0.09 24.93
N ALA B 54 39.88 -0.08 23.68
CA ALA B 54 40.60 1.04 23.01
C ALA B 54 39.69 2.24 22.66
N GLY B 55 38.37 2.06 22.56
CA GLY B 55 37.57 3.12 21.96
C GLY B 55 37.36 3.04 20.44
N LEU B 56 36.52 3.94 19.89
CA LEU B 56 36.18 3.87 18.48
C LEU B 56 37.27 4.49 17.55
N GLY B 57 38.21 5.20 18.13
CA GLY B 57 39.25 5.80 17.26
C GLY B 57 39.58 7.17 17.76
N SER B 58 40.10 8.05 16.90
CA SER B 58 40.48 9.40 17.37
C SER B 58 40.49 10.30 16.18
N ILE B 59 40.39 11.58 16.45
CA ILE B 59 40.43 12.64 15.47
C ILE B 59 41.68 13.47 15.83
N PRO B 60 42.42 14.03 14.83
CA PRO B 60 43.54 14.96 15.18
C PRO B 60 43.06 16.13 16.09
N ALA B 61 43.80 16.35 17.18
CA ALA B 61 43.40 17.34 18.16
C ALA B 61 43.16 18.73 17.58
N ALA B 62 43.75 19.05 16.42
CA ALA B 62 43.56 20.39 15.84
C ALA B 62 42.11 20.56 15.43
N ARG B 63 41.39 19.44 15.28
CA ARG B 63 39.97 19.54 14.87
C ARG B 63 39.00 19.41 16.06
N HIS B 64 39.52 19.18 17.26
CA HIS B 64 38.63 19.06 18.43
C HIS B 64 37.82 20.32 18.61
N GLY B 65 36.57 20.17 19.02
CA GLY B 65 35.70 21.32 19.26
C GLY B 65 34.93 21.77 18.05
N GLU B 66 35.23 21.27 16.87
CA GLU B 66 34.53 21.70 15.66
C GLU B 66 33.17 21.04 15.58
N GLU B 67 32.27 21.69 14.86
CA GLU B 67 30.89 21.26 14.93
C GLU B 67 30.50 20.31 13.80
N VAL B 68 29.59 19.37 14.09
CA VAL B 68 29.01 18.53 13.09
C VAL B 68 27.49 18.60 13.32
N ALA B 69 26.75 18.98 12.29
CA ALA B 69 25.29 19.06 12.37
C ALA B 69 24.69 17.66 12.30
N ILE B 70 23.71 17.39 13.17
CA ILE B 70 22.96 16.10 13.12
C ILE B 70 21.47 16.33 13.07
N VAL B 71 20.81 15.85 12.04
CA VAL B 71 19.47 16.28 11.80
C VAL B 71 18.62 15.14 12.35
N GLY B 72 17.93 15.38 13.46
CA GLY B 72 17.09 14.35 14.06
C GLY B 72 17.64 13.87 15.41
N ALA B 73 16.80 13.84 16.45
CA ALA B 73 17.22 13.37 17.75
C ALA B 73 16.44 12.07 18.10
N GLY B 74 16.32 11.18 17.12
CA GLY B 74 15.91 9.79 17.40
C GLY B 74 17.15 8.99 17.79
N ILE B 75 17.02 7.69 17.78
CA ILE B 75 18.14 6.88 18.28
C ILE B 75 19.36 7.02 17.32
N ALA B 76 19.13 7.12 16.02
CA ALA B 76 20.33 7.15 15.09
C ALA B 76 21.09 8.48 15.28
N GLY B 77 20.36 9.61 15.40
CA GLY B 77 21.00 10.92 15.61
C GLY B 77 21.75 10.97 16.93
N LEU B 78 21.14 10.41 17.98
CA LEU B 78 21.78 10.54 19.33
C LEU B 78 22.91 9.62 19.58
N VAL B 79 22.84 8.37 19.08
CA VAL B 79 23.97 7.49 19.10
C VAL B 79 25.14 8.18 18.36
N ALA B 80 24.92 8.70 17.15
CA ALA B 80 26.02 9.35 16.42
C ALA B 80 26.57 10.57 17.21
N ALA B 81 25.66 11.41 17.70
CA ALA B 81 26.09 12.61 18.45
C ALA B 81 26.92 12.17 19.64
N TYR B 82 26.43 11.18 20.41
CA TYR B 82 27.18 10.72 21.64
C TYR B 82 28.62 10.27 21.30
N GLU B 83 28.77 9.36 20.34
CA GLU B 83 30.08 8.85 20.00
C GLU B 83 30.96 9.96 19.38
N LEU B 84 30.36 10.86 18.62
CA LEU B 84 31.20 11.93 18.01
C LEU B 84 31.64 12.97 19.07
N MET B 85 30.76 13.31 20.01
CA MET B 85 31.20 14.02 21.24
C MET B 85 32.39 13.34 21.91
N LYS B 86 32.35 12.00 22.04
CA LYS B 86 33.44 11.29 22.74
C LYS B 86 34.75 11.45 21.97
N LEU B 87 34.68 11.65 20.65
CA LEU B 87 35.88 11.75 19.82
C LEU B 87 36.43 13.18 19.83
N GLY B 88 35.68 14.11 20.40
CA GLY B 88 36.22 15.45 20.64
C GLY B 88 35.61 16.48 19.75
N LEU B 89 34.65 16.07 18.92
CA LEU B 89 33.83 17.02 18.16
C LEU B 89 32.66 17.60 18.99
N LYS B 90 32.03 18.63 18.43
CA LYS B 90 30.83 19.21 19.02
C LYS B 90 29.64 18.93 18.12
N PRO B 91 28.96 17.79 18.39
CA PRO B 91 27.71 17.59 17.64
C PRO B 91 26.67 18.70 17.95
N VAL B 92 25.91 19.11 16.92
CA VAL B 92 24.82 20.06 17.03
C VAL B 92 23.61 19.35 16.51
N VAL B 93 22.81 18.85 17.45
CA VAL B 93 21.56 18.13 17.10
C VAL B 93 20.37 19.07 16.78
N TYR B 94 19.65 18.82 15.68
CA TYR B 94 18.48 19.55 15.31
C TYR B 94 17.28 18.61 15.42
N GLU B 95 16.19 19.10 16.00
CA GLU B 95 14.94 18.24 16.12
C GLU B 95 13.67 19.01 15.80
N ALA B 96 12.92 18.60 14.78
CA ALA B 96 11.72 19.31 14.36
C ALA B 96 10.49 18.99 15.23
N SER B 97 10.51 17.91 16.01
CA SER B 97 9.27 17.42 16.63
C SER B 97 9.61 17.05 18.07
N LYS B 98 9.54 15.78 18.49
CA LYS B 98 9.89 15.36 19.88
C LYS B 98 11.18 14.55 19.96
N MET B 99 12.02 14.85 20.97
CA MET B 99 13.25 14.06 21.19
C MET B 99 12.90 12.57 21.27
N GLY B 100 13.76 11.74 20.67
CA GLY B 100 13.52 10.30 20.62
C GLY B 100 12.89 9.67 19.39
N GLY B 101 12.16 10.47 18.59
CA GLY B 101 11.68 9.98 17.30
C GLY B 101 10.67 8.87 17.52
N ARG B 102 10.92 7.69 16.92
CA ARG B 102 10.00 6.59 16.96
C ARG B 102 10.21 5.61 18.16
N LEU B 103 11.04 6.01 19.09
CA LEU B 103 11.11 5.42 20.44
C LEU B 103 10.36 6.47 21.33
N ARG B 104 9.13 6.16 21.67
CA ARG B 104 8.28 7.19 22.27
C ARG B 104 7.35 6.49 23.26
N SER B 105 7.38 6.93 24.51
CA SER B 105 6.67 6.20 25.60
C SER B 105 5.82 7.26 26.35
N GLN B 106 4.55 6.99 26.55
CA GLN B 106 3.67 8.02 27.10
C GLN B 106 3.11 7.49 28.38
N ALA B 107 3.27 8.22 29.50
CA ALA B 107 2.63 7.85 30.74
C ALA B 107 1.10 8.05 30.71
N PHE B 108 0.35 7.15 31.32
CA PHE B 108 -1.11 7.34 31.42
C PHE B 108 -1.42 8.43 32.48
N ASN B 109 -2.49 9.18 32.32
CA ASN B 109 -2.69 10.29 33.27
C ASN B 109 -2.85 9.86 34.77
N GLY B 110 -2.26 10.64 35.67
CA GLY B 110 -2.34 10.28 37.09
C GLY B 110 -1.27 9.36 37.61
N THR B 111 -0.69 8.53 36.72
CA THR B 111 0.20 7.44 37.18
C THR B 111 1.63 7.82 37.34
N ASP B 112 2.36 6.99 38.06
CA ASP B 112 3.79 7.18 38.10
C ASP B 112 4.44 6.04 37.31
N GLY B 113 4.98 6.36 36.12
CA GLY B 113 5.60 5.40 35.24
C GLY B 113 4.85 4.21 34.71
N ILE B 114 3.55 4.34 34.49
CA ILE B 114 2.83 3.30 33.79
C ILE B 114 2.71 3.80 32.38
N ILE B 115 3.41 3.15 31.41
CA ILE B 115 3.52 3.76 30.08
C ILE B 115 2.88 2.92 28.98
N ALA B 116 2.45 3.56 27.88
CA ALA B 116 2.11 2.88 26.64
C ALA B 116 3.30 3.12 25.67
N GLU B 117 3.71 2.11 24.94
CA GLU B 117 4.81 2.33 23.99
C GLU B 117 4.25 2.80 22.64
N LEU B 118 4.56 4.02 22.18
CA LEU B 118 3.87 4.45 20.92
C LEU B 118 4.62 4.05 19.65
N GLY B 119 5.95 4.08 19.76
CA GLY B 119 6.81 3.52 18.68
C GLY B 119 7.23 2.06 18.87
N GLY B 120 8.50 1.79 18.71
CA GLY B 120 9.06 0.45 18.90
C GLY B 120 8.77 -0.03 20.34
N MET B 121 8.42 -1.30 20.48
CA MET B 121 8.18 -1.79 21.82
C MET B 121 8.80 -3.11 22.13
N ARG B 122 9.12 -3.89 21.12
CA ARG B 122 9.68 -5.22 21.41
C ARG B 122 11.03 -5.41 20.74
N PHE B 123 12.04 -5.50 21.58
CA PHE B 123 13.41 -5.43 21.11
C PHE B 123 14.10 -6.80 21.18
N PRO B 124 14.35 -7.41 20.00
CA PRO B 124 14.95 -8.73 20.08
C PRO B 124 16.34 -8.63 20.69
N VAL B 125 16.65 -9.56 21.55
CA VAL B 125 17.98 -9.62 22.22
C VAL B 125 19.15 -9.80 21.23
N SER B 126 18.84 -10.24 20.00
CA SER B 126 19.90 -10.33 18.97
C SER B 126 20.34 -8.90 18.59
N SER B 127 19.66 -7.83 19.10
CA SER B 127 20.00 -6.45 18.80
C SER B 127 21.20 -5.95 19.67
N THR B 128 22.37 -6.51 19.44
CA THR B 128 23.44 -6.33 20.44
C THR B 128 23.98 -4.92 20.44
N ALA B 129 23.96 -4.19 19.32
CA ALA B 129 24.48 -2.81 19.35
C ALA B 129 23.49 -1.85 20.12
N PHE B 130 22.19 -2.05 19.91
CA PHE B 130 21.13 -1.31 20.65
C PHE B 130 21.29 -1.61 22.15
N TYR B 131 21.38 -2.90 22.52
CA TYR B 131 21.47 -3.25 23.95
C TYR B 131 22.75 -2.77 24.63
N HIS B 132 23.82 -2.52 23.86
CA HIS B 132 24.95 -1.84 24.40
C HIS B 132 24.52 -0.53 25.09
N TYR B 133 23.68 0.25 24.43
CA TYR B 133 23.23 1.51 25.02
C TYR B 133 22.22 1.26 26.15
N VAL B 134 21.29 0.33 25.96
CA VAL B 134 20.39 0.02 27.08
C VAL B 134 21.20 -0.33 28.35
N ASP B 135 22.18 -1.22 28.19
CA ASP B 135 23.05 -1.67 29.35
C ASP B 135 23.91 -0.57 29.92
N LYS B 136 24.51 0.24 29.05
CA LYS B 136 25.31 1.39 29.46
C LYS B 136 24.46 2.32 30.35
N LEU B 137 23.20 2.57 29.96
CA LEU B 137 22.27 3.41 30.79
C LEU B 137 21.73 2.67 32.04
N GLY B 138 22.07 1.40 32.22
CA GLY B 138 21.57 0.65 33.38
C GLY B 138 20.05 0.58 33.48
N LEU B 139 19.36 0.55 32.34
CA LEU B 139 17.92 0.30 32.30
C LEU B 139 17.53 -1.14 32.43
N GLU B 140 16.37 -1.40 33.00
CA GLU B 140 15.96 -2.79 33.16
C GLU B 140 15.07 -3.19 31.99
N THR B 141 15.14 -4.47 31.57
CA THR B 141 14.31 -4.98 30.49
C THR B 141 13.59 -6.23 31.02
N LYS B 142 12.51 -6.61 30.40
CA LYS B 142 11.93 -7.88 30.68
C LYS B 142 11.28 -8.53 29.50
N PRO B 143 11.07 -9.83 29.60
CA PRO B 143 10.61 -10.52 28.41
C PRO B 143 9.27 -9.96 27.92
N PHE B 144 9.08 -9.83 26.60
CA PHE B 144 7.86 -9.26 26.07
C PHE B 144 6.78 -10.35 26.10
N PRO B 145 5.50 -10.00 26.36
CA PRO B 145 4.41 -11.05 26.46
C PRO B 145 3.90 -11.50 25.10
N ASN B 146 4.78 -12.16 24.35
CA ASN B 146 4.47 -12.67 23.03
C ASN B 146 3.69 -13.97 23.13
N PRO B 147 2.86 -14.25 22.15
CA PRO B 147 2.08 -15.51 22.23
C PRO B 147 3.01 -16.73 22.34
N LEU B 148 2.57 -17.66 23.20
CA LEU B 148 3.14 -18.96 23.31
C LEU B 148 4.58 -18.89 23.82
N THR B 149 4.89 -17.95 24.72
CA THR B 149 6.24 -17.88 25.27
C THR B 149 5.96 -17.97 26.77
N PRO B 150 7.01 -18.22 27.58
CA PRO B 150 7.00 -18.13 29.03
C PRO B 150 6.40 -16.82 29.59
N ALA B 151 6.52 -15.70 28.86
CA ALA B 151 6.01 -14.39 29.36
C ALA B 151 4.51 -14.23 29.17
N SER B 152 3.88 -15.19 28.51
CA SER B 152 2.46 -15.12 28.27
C SER B 152 1.85 -16.40 28.86
N ARG B 153 0.77 -16.28 29.60
CA ARG B 153 0.15 -17.50 30.14
C ARG B 153 -0.60 -18.30 29.12
N SER B 154 -1.28 -17.65 28.19
CA SER B 154 -2.14 -18.32 27.30
C SER B 154 -2.32 -17.48 26.07
N THR B 155 -2.76 -18.12 25.01
CA THR B 155 -3.09 -17.46 23.77
C THR B 155 -4.40 -17.89 23.27
N VAL B 156 -5.07 -16.97 22.61
CA VAL B 156 -6.25 -17.29 21.87
C VAL B 156 -6.14 -16.85 20.46
N ILE B 157 -6.45 -17.79 19.59
CA ILE B 157 -6.51 -17.57 18.16
C ILE B 157 -7.95 -17.62 17.74
N ASP B 158 -8.37 -16.57 17.05
CA ASP B 158 -9.70 -16.46 16.55
C ASP B 158 -9.73 -16.27 15.03
N LEU B 159 -10.23 -17.28 14.33
CA LEU B 159 -10.18 -17.28 12.88
C LEU B 159 -11.46 -17.74 12.28
N GLU B 160 -11.96 -16.99 11.29
CA GLU B 160 -13.18 -17.37 10.56
C GLU B 160 -14.34 -17.65 11.54
N GLY B 161 -14.32 -17.03 12.73
CA GLY B 161 -15.35 -17.24 13.76
C GLY B 161 -15.15 -18.42 14.70
N GLN B 162 -14.10 -19.21 14.46
CA GLN B 162 -13.72 -20.23 15.43
C GLN B 162 -12.60 -19.76 16.38
N THR B 163 -12.67 -20.17 17.64
CA THR B 163 -11.74 -19.79 18.65
C THR B 163 -10.88 -21.00 19.10
N TYR B 164 -9.58 -20.80 19.27
CA TYR B 164 -8.72 -21.87 19.75
C TYR B 164 -7.97 -21.31 20.90
N TYR B 165 -8.07 -21.97 22.04
CA TYR B 165 -7.36 -21.61 23.23
C TYR B 165 -6.13 -22.44 23.46
N ALA B 166 -5.00 -21.84 23.83
CA ALA B 166 -3.79 -22.62 24.10
C ALA B 166 -2.89 -22.06 25.19
N GLU B 167 -2.47 -22.92 26.10
CA GLU B 167 -1.43 -22.52 27.06
C GLU B 167 -0.05 -22.92 26.54
N LYS B 168 -0.01 -23.86 25.62
CA LYS B 168 1.26 -24.17 24.93
C LYS B 168 1.00 -24.61 23.47
N ALA B 169 2.02 -24.51 22.65
CA ALA B 169 1.83 -24.77 21.24
C ALA B 169 1.11 -26.11 20.91
N ALA B 170 1.36 -27.13 21.72
CA ALA B 170 0.78 -28.46 21.45
C ALA B 170 -0.71 -28.50 21.67
N ASP B 171 -1.25 -27.60 22.54
CA ASP B 171 -2.71 -27.45 22.61
C ASP B 171 -3.36 -27.02 21.33
N LEU B 172 -2.64 -26.42 20.37
CA LEU B 172 -3.34 -25.95 19.19
C LEU B 172 -3.67 -27.15 18.29
N PRO B 173 -4.74 -27.09 17.48
CA PRO B 173 -5.05 -28.17 16.51
C PRO B 173 -3.91 -28.40 15.51
N ALA B 174 -3.85 -29.59 14.90
CA ALA B 174 -2.67 -30.04 14.06
C ALA B 174 -2.33 -29.07 12.95
N LEU B 175 -3.34 -28.38 12.46
CA LEU B 175 -3.14 -27.52 11.35
C LEU B 175 -1.99 -26.47 11.61
N PHE B 176 -1.84 -26.02 12.87
CA PHE B 176 -0.85 -24.99 13.21
C PHE B 176 0.58 -25.51 13.16
N GLN B 177 0.76 -26.72 13.64
CA GLN B 177 2.02 -27.41 13.52
C GLN B 177 2.34 -27.72 12.05
N GLU B 178 1.36 -28.05 11.25
CA GLU B 178 1.59 -28.25 9.82
C GLU B 178 2.09 -26.99 9.17
N VAL B 179 1.46 -25.84 9.50
CA VAL B 179 1.92 -24.53 9.00
C VAL B 179 3.38 -24.27 9.43
N THR B 180 3.67 -24.53 10.71
CA THR B 180 5.01 -24.28 11.23
C THR B 180 6.05 -25.15 10.52
N ASP B 181 5.69 -26.40 10.25
CA ASP B 181 6.65 -27.30 9.53
C ASP B 181 6.86 -26.83 8.10
N ALA B 182 5.78 -26.32 7.45
CA ALA B 182 5.89 -25.99 6.07
C ALA B 182 6.78 -24.76 5.92
N TRP B 183 6.61 -23.78 6.81
CA TRP B 183 7.50 -22.60 6.90
C TRP B 183 8.91 -22.93 7.20
N ALA B 184 9.14 -23.79 8.19
CA ALA B 184 10.55 -24.25 8.50
C ALA B 184 11.17 -24.94 7.26
N ASP B 185 10.38 -25.81 6.62
CA ASP B 185 10.91 -26.49 5.44
C ASP B 185 11.14 -25.56 4.27
N ALA B 186 10.25 -24.58 4.02
CA ALA B 186 10.43 -23.62 2.95
C ALA B 186 11.75 -22.82 3.12
N LEU B 187 12.06 -22.42 4.36
CA LEU B 187 13.26 -21.59 4.62
C LEU B 187 14.50 -22.46 4.51
N GLU B 188 14.37 -23.71 4.96
CA GLU B 188 15.54 -24.64 4.86
C GLU B 188 15.84 -24.89 3.40
N SER B 189 14.82 -25.30 2.63
CA SER B 189 15.00 -25.62 1.20
C SER B 189 15.35 -24.42 0.37
N GLY B 190 14.64 -23.28 0.58
CA GLY B 190 14.76 -22.13 -0.26
C GLY B 190 15.94 -21.25 0.05
N ALA B 191 16.43 -21.26 1.29
CA ALA B 191 17.37 -20.22 1.70
C ALA B 191 18.52 -20.75 2.54
N ARG B 192 18.52 -22.06 2.82
CA ARG B 192 19.61 -22.65 3.63
C ARG B 192 19.63 -22.01 5.00
N PHE B 193 18.42 -21.88 5.56
CA PHE B 193 18.27 -21.23 6.85
C PHE B 193 19.22 -21.75 7.92
N GLY B 194 19.30 -23.10 8.07
CA GLY B 194 20.11 -23.74 9.11
C GLY B 194 21.60 -23.35 8.97
N ASP B 195 22.11 -23.44 7.77
CA ASP B 195 23.52 -23.13 7.49
C ASP B 195 23.78 -21.66 7.79
N ILE B 196 22.88 -20.79 7.34
CA ILE B 196 23.09 -19.34 7.58
C ILE B 196 23.08 -19.09 9.05
N GLN B 197 22.10 -19.64 9.78
CA GLN B 197 22.11 -19.39 11.25
C GLN B 197 23.37 -19.85 11.96
N GLN B 198 23.89 -21.01 11.56
CA GLN B 198 25.14 -21.54 12.15
C GLN B 198 26.30 -20.61 11.83
N ALA B 199 26.38 -20.11 10.61
CA ALA B 199 27.52 -19.25 10.26
C ALA B 199 27.36 -17.94 11.06
N ILE B 200 26.12 -17.49 11.29
CA ILE B 200 25.90 -16.27 12.17
C ILE B 200 26.37 -16.58 13.62
N ARG B 201 25.93 -17.72 14.16
CA ARG B 201 26.37 -18.11 15.54
C ARG B 201 27.88 -18.12 15.66
N ASP B 202 28.53 -18.78 14.70
CA ASP B 202 29.97 -18.88 14.71
C ASP B 202 30.66 -17.61 14.28
N ARG B 203 29.94 -16.67 13.66
CA ARG B 203 30.57 -15.45 13.06
C ARG B 203 31.61 -15.83 12.02
N ASP B 204 31.24 -16.80 11.18
CA ASP B 204 32.13 -17.28 10.13
C ASP B 204 31.82 -16.46 8.88
N VAL B 205 32.55 -15.36 8.70
CA VAL B 205 32.27 -14.38 7.71
C VAL B 205 32.35 -14.96 6.25
N PRO B 206 33.47 -15.66 5.88
CA PRO B 206 33.55 -16.18 4.50
C PRO B 206 32.37 -17.04 4.13
N ARG B 207 32.03 -17.99 5.00
CA ARG B 207 30.89 -18.86 4.79
C ARG B 207 29.56 -18.10 4.75
N LEU B 208 29.34 -17.25 5.76
CA LEU B 208 28.14 -16.35 5.73
C LEU B 208 27.91 -15.61 4.39
N LYS B 209 28.93 -14.95 3.88
CA LYS B 209 28.83 -14.22 2.64
C LYS B 209 28.60 -15.09 1.41
N GLU B 210 29.23 -16.26 1.40
CA GLU B 210 28.93 -17.28 0.33
C GLU B 210 27.49 -17.69 0.32
N LEU B 211 26.93 -18.01 1.48
CA LEU B 211 25.48 -18.41 1.54
C LEU B 211 24.58 -17.27 1.19
N TRP B 212 24.83 -16.10 1.79
CA TRP B 212 23.95 -14.97 1.57
C TRP B 212 24.05 -14.44 0.15
N ASN B 213 25.26 -14.32 -0.38
CA ASN B 213 25.41 -13.67 -1.70
C ASN B 213 24.74 -14.47 -2.82
N THR B 214 24.62 -15.77 -2.65
CA THR B 214 23.81 -16.56 -3.62
C THR B 214 22.35 -16.08 -3.63
N LEU B 215 21.79 -15.85 -2.42
CA LEU B 215 20.36 -15.45 -2.31
C LEU B 215 20.06 -14.06 -2.84
N VAL B 216 21.02 -13.13 -2.72
CA VAL B 216 20.76 -11.73 -3.12
C VAL B 216 20.18 -11.57 -4.56
N PRO B 217 20.92 -12.00 -5.63
CA PRO B 217 20.28 -11.81 -6.92
C PRO B 217 19.07 -12.71 -7.20
N LEU B 218 18.93 -13.80 -6.48
CA LEU B 218 17.76 -14.71 -6.65
C LEU B 218 16.47 -14.16 -6.15
N TRP B 219 16.55 -13.39 -5.07
CA TRP B 219 15.35 -13.08 -4.34
C TRP B 219 15.10 -11.62 -4.23
N ASP B 220 16.01 -10.76 -4.72
CA ASP B 220 15.83 -9.33 -4.70
C ASP B 220 14.51 -8.92 -5.37
N ASP B 221 14.24 -9.50 -6.53
CA ASP B 221 13.11 -9.14 -7.37
C ASP B 221 11.81 -9.80 -7.07
N ARG B 222 11.80 -10.65 -6.08
CA ARG B 222 10.63 -11.52 -5.80
C ARG B 222 10.03 -11.15 -4.45
N THR B 223 8.70 -11.15 -4.38
CA THR B 223 7.99 -10.91 -3.11
C THR B 223 7.99 -12.14 -2.18
N PHE B 224 7.66 -11.87 -0.91
CA PHE B 224 7.41 -12.88 0.10
C PHE B 224 6.17 -13.71 -0.35
N TYR B 225 5.20 -13.05 -1.03
CA TYR B 225 4.10 -13.71 -1.81
C TYR B 225 4.66 -14.77 -2.71
N ASP B 226 5.59 -14.37 -3.58
CA ASP B 226 6.13 -15.35 -4.48
C ASP B 226 6.94 -16.50 -3.82
N PHE B 227 7.70 -16.22 -2.75
CA PHE B 227 8.41 -17.25 -2.06
C PHE B 227 7.44 -18.31 -1.57
N VAL B 228 6.38 -17.86 -0.91
CA VAL B 228 5.32 -18.82 -0.47
C VAL B 228 4.66 -19.67 -1.55
N ALA B 229 4.34 -19.04 -2.66
CA ALA B 229 3.57 -19.67 -3.72
C ALA B 229 4.42 -20.60 -4.63
N THR B 230 5.74 -20.48 -4.59
CA THR B 230 6.56 -21.38 -5.38
C THR B 230 7.29 -22.37 -4.46
N SER B 231 7.05 -22.33 -3.14
CA SER B 231 7.73 -23.30 -2.28
C SER B 231 6.95 -24.61 -2.24
N LYS B 232 7.64 -25.75 -2.42
CA LYS B 232 7.00 -27.06 -2.36
C LYS B 232 6.27 -27.37 -1.06
N ALA B 233 6.84 -26.94 0.06
CA ALA B 233 6.23 -27.21 1.36
C ALA B 233 4.84 -26.53 1.52
N PHE B 234 4.68 -25.28 1.06
CA PHE B 234 3.35 -24.61 1.13
C PHE B 234 2.44 -25.16 0.06
N ALA B 235 3.02 -25.55 -1.07
CA ALA B 235 2.20 -26.09 -2.17
C ALA B 235 1.52 -27.37 -1.75
N LYS B 236 2.09 -28.12 -0.82
CA LYS B 236 1.45 -29.38 -0.47
C LYS B 236 0.30 -29.24 0.55
N LEU B 237 0.18 -28.06 1.14
CA LEU B 237 -0.89 -27.75 2.06
C LEU B 237 -2.10 -27.16 1.34
N SER B 238 -3.28 -27.32 1.94
CA SER B 238 -4.50 -26.70 1.43
C SER B 238 -4.35 -25.16 1.42
N PHE B 239 -5.15 -24.51 0.58
CA PHE B 239 -5.27 -23.05 0.61
C PHE B 239 -5.52 -22.52 2.02
N GLN B 240 -6.43 -23.15 2.77
CA GLN B 240 -6.79 -22.67 4.09
C GLN B 240 -5.52 -22.51 4.96
N HIS B 241 -4.50 -23.33 4.73
CA HIS B 241 -3.29 -23.32 5.56
C HIS B 241 -2.48 -22.13 5.23
N ARG B 242 -2.44 -21.79 3.95
CA ARG B 242 -1.69 -20.60 3.55
C ARG B 242 -2.37 -19.35 4.07
N GLU B 243 -3.72 -19.36 4.11
CA GLU B 243 -4.47 -18.22 4.67
C GLU B 243 -4.15 -18.06 6.15
N VAL B 244 -4.22 -19.15 6.90
CA VAL B 244 -3.87 -19.15 8.35
C VAL B 244 -2.49 -18.53 8.58
N PHE B 245 -1.51 -18.99 7.81
CA PHE B 245 -0.17 -18.50 7.82
C PHE B 245 -0.16 -16.97 7.68
N GLY B 246 -0.91 -16.41 6.74
CA GLY B 246 -0.92 -14.95 6.57
C GLY B 246 -1.57 -14.17 7.75
N GLN B 247 -2.65 -14.74 8.32
CA GLN B 247 -3.42 -14.10 9.39
C GLN B 247 -2.76 -14.21 10.78
N VAL B 248 -2.26 -15.39 11.09
CA VAL B 248 -1.73 -15.67 12.45
C VAL B 248 -0.47 -16.52 12.43
N GLY B 249 0.08 -16.85 11.25
CA GLY B 249 1.29 -17.67 11.17
C GLY B 249 1.04 -19.11 11.68
N PHE B 250 1.98 -19.65 12.45
CA PHE B 250 1.75 -20.94 13.11
C PHE B 250 1.16 -20.78 14.53
N GLY B 251 0.71 -19.56 14.83
CA GLY B 251 0.13 -19.26 16.12
C GLY B 251 0.86 -18.18 16.90
N THR B 252 1.92 -17.59 16.33
CA THR B 252 2.68 -16.61 17.10
C THR B 252 2.68 -15.26 16.38
N GLY B 253 1.87 -15.07 15.33
CA GLY B 253 1.88 -13.74 14.61
C GLY B 253 1.79 -14.01 13.11
N GLY B 254 0.95 -13.29 12.40
CA GLY B 254 0.76 -13.52 10.97
C GLY B 254 1.77 -12.76 10.15
N TRP B 255 1.75 -13.02 8.86
CA TRP B 255 2.77 -12.45 7.97
C TRP B 255 2.17 -11.58 6.90
N ASP B 256 0.81 -11.47 6.83
CA ASP B 256 0.18 -10.92 5.64
C ASP B 256 0.64 -9.47 5.27
N SER B 257 0.94 -8.65 6.26
CA SER B 257 1.40 -7.29 6.03
C SER B 257 2.79 -7.27 5.34
N ASP B 258 3.57 -8.33 5.54
CA ASP B 258 4.88 -8.47 4.89
C ASP B 258 4.91 -9.14 3.49
N PHE B 259 3.77 -9.73 3.09
CA PHE B 259 3.75 -10.53 1.82
C PHE B 259 4.27 -9.70 0.58
N PRO B 260 3.93 -8.38 0.48
CA PRO B 260 4.31 -7.64 -0.74
C PRO B 260 5.80 -7.28 -0.76
N ASN B 261 6.51 -7.47 0.37
CA ASN B 261 7.89 -6.99 0.41
C ASN B 261 8.84 -7.97 -0.23
N SER B 262 9.99 -7.41 -0.57
CA SER B 262 11.13 -8.18 -1.03
C SER B 262 11.41 -9.34 -0.11
N MET B 263 11.47 -10.56 -0.66
CA MET B 263 11.80 -11.71 0.20
C MET B 263 13.13 -11.52 0.90
N LEU B 264 14.10 -10.78 0.30
CA LEU B 264 15.35 -10.63 1.08
C LEU B 264 15.12 -10.02 2.48
N GLU B 265 14.27 -9.02 2.57
CA GLU B 265 14.00 -8.38 3.85
C GLU B 265 13.52 -9.40 4.85
N ILE B 266 12.69 -10.31 4.38
CA ILE B 266 12.08 -11.35 5.32
C ILE B 266 13.14 -12.34 5.75
N PHE B 267 14.01 -12.74 4.80
CA PHE B 267 15.16 -13.55 5.19
C PHE B 267 15.97 -12.89 6.29
N ARG B 268 16.34 -11.64 6.12
CA ARG B 268 17.15 -10.98 7.10
C ARG B 268 16.50 -11.04 8.48
N VAL B 269 15.23 -10.75 8.51
CA VAL B 269 14.47 -10.73 9.73
C VAL B 269 14.55 -12.08 10.43
N VAL B 270 14.23 -13.14 9.69
CA VAL B 270 14.09 -14.44 10.37
C VAL B 270 15.51 -15.00 10.64
N MET B 271 16.49 -14.73 9.77
CA MET B 271 17.80 -15.32 10.00
C MET B 271 18.50 -14.79 11.23
N THR B 272 18.19 -13.51 11.57
CA THR B 272 18.86 -12.89 12.73
C THR B 272 17.92 -12.85 13.97
N ASN B 273 16.87 -13.64 13.95
CA ASN B 273 15.95 -13.75 15.14
C ASN B 273 15.36 -12.36 15.52
N CYS B 274 15.05 -11.50 14.53
CA CYS B 274 14.38 -10.22 14.88
C CYS B 274 12.96 -10.51 15.47
N ASP B 275 12.37 -11.59 14.97
CA ASP B 275 10.95 -11.83 15.13
C ASP B 275 10.68 -12.64 16.38
N ASP B 276 11.68 -12.88 17.24
CA ASP B 276 11.52 -13.61 18.51
C ASP B 276 12.59 -13.32 19.63
N HIS B 277 12.44 -13.90 20.82
CA HIS B 277 13.22 -13.52 22.01
C HIS B 277 13.34 -12.00 22.24
N GLN B 278 12.19 -11.36 22.38
CA GLN B 278 12.13 -9.91 22.46
C GLN B 278 11.88 -9.47 23.92
N HIS B 279 12.45 -8.32 24.28
CA HIS B 279 12.24 -7.65 25.59
C HIS B 279 11.64 -6.28 25.45
N LEU B 280 10.91 -5.85 26.50
CA LEU B 280 10.44 -4.47 26.63
C LEU B 280 11.38 -3.77 27.63
N VAL B 281 11.50 -2.44 27.52
CA VAL B 281 12.27 -1.64 28.43
C VAL B 281 11.33 -1.15 29.52
N VAL B 282 11.65 -1.51 30.75
CA VAL B 282 10.80 -1.13 31.89
C VAL B 282 10.84 0.39 32.09
N GLY B 283 9.66 0.99 32.16
CA GLY B 283 9.57 2.44 32.25
C GLY B 283 9.56 3.18 30.86
N GLY B 284 9.81 2.46 29.75
CA GLY B 284 9.48 3.00 28.44
C GLY B 284 10.84 3.10 27.71
N VAL B 285 10.88 2.72 26.45
CA VAL B 285 12.16 2.70 25.68
C VAL B 285 12.57 4.14 25.37
N GLU B 286 11.67 5.11 25.48
CA GLU B 286 12.08 6.53 25.34
C GLU B 286 13.19 6.91 26.30
N GLN B 287 13.29 6.20 27.45
CA GLN B 287 14.47 6.39 28.36
C GLN B 287 15.84 6.19 27.68
N VAL B 288 15.88 5.46 26.57
CA VAL B 288 17.14 5.23 25.92
C VAL B 288 17.63 6.55 25.29
N PRO B 289 16.84 7.17 24.36
CA PRO B 289 17.41 8.39 23.70
C PRO B 289 17.41 9.50 24.76
N GLN B 290 16.42 9.54 25.68
CA GLN B 290 16.47 10.59 26.74
C GLN B 290 17.72 10.37 27.60
N GLY B 291 18.06 9.11 27.89
CA GLY B 291 19.26 8.85 28.78
C GLY B 291 20.57 9.13 28.04
N ILE B 292 20.63 8.73 26.74
CA ILE B 292 21.80 9.10 25.95
C ILE B 292 22.02 10.64 25.96
N TRP B 293 20.97 11.43 25.78
CA TRP B 293 21.06 12.90 25.81
C TRP B 293 21.81 13.42 27.06
N ARG B 294 21.51 12.79 28.19
CA ARG B 294 22.01 13.27 29.49
C ARG B 294 23.24 12.57 30.01
N HIS B 295 23.71 11.52 29.33
CA HIS B 295 24.72 10.64 29.89
C HIS B 295 26.08 11.21 29.79
N VAL B 296 26.80 11.16 30.91
CA VAL B 296 28.20 11.63 30.97
C VAL B 296 29.13 10.46 30.66
N PRO B 297 29.90 10.52 29.53
CA PRO B 297 30.84 9.37 29.27
C PRO B 297 31.90 9.40 30.36
N GLU B 298 32.56 8.28 30.63
CA GLU B 298 33.67 8.32 31.58
C GLU B 298 34.91 8.99 30.98
N ARG B 299 35.02 8.88 29.66
CA ARG B 299 36.21 9.26 28.91
C ARG B 299 35.77 9.96 27.63
N CYS B 300 36.08 11.25 27.51
CA CYS B 300 35.90 12.01 26.27
C CYS B 300 37.22 12.61 25.91
N ALA B 301 37.50 12.62 24.63
CA ALA B 301 38.51 13.53 24.07
C ALA B 301 38.02 14.97 24.22
N HIS B 302 38.97 15.86 24.46
CA HIS B 302 38.72 17.30 24.50
C HIS B 302 37.82 17.88 25.57
N TRP B 303 36.63 17.32 25.84
CA TRP B 303 35.67 18.04 26.69
C TRP B 303 35.99 17.92 28.16
N PRO B 304 35.67 18.97 28.96
CA PRO B 304 35.76 18.89 30.45
C PRO B 304 35.01 17.68 31.00
N GLU B 305 35.55 17.04 32.03
CA GLU B 305 34.81 16.05 32.79
C GLU B 305 33.40 16.56 33.11
N GLY B 306 32.41 15.68 33.04
CA GLY B 306 31.01 16.09 33.33
C GLY B 306 30.26 16.56 32.08
N THR B 307 30.94 16.68 30.93
CA THR B 307 30.24 17.06 29.68
C THR B 307 29.24 15.97 29.20
N SER B 308 28.06 16.39 28.80
CA SER B 308 27.10 15.51 28.13
C SER B 308 26.53 16.20 26.90
N LEU B 309 25.87 15.45 26.02
CA LEU B 309 25.19 16.12 24.90
C LEU B 309 24.34 17.29 25.44
N SER B 310 23.54 17.01 26.46
CA SER B 310 22.73 18.08 27.05
C SER B 310 23.55 19.38 27.44
N SER B 311 24.70 19.20 28.12
CA SER B 311 25.67 20.27 28.53
C SER B 311 26.11 21.05 27.35
N LEU B 312 26.62 20.32 26.38
CA LEU B 312 27.10 20.93 25.17
C LEU B 312 26.02 21.72 24.49
N HIS B 313 24.76 21.37 24.62
CA HIS B 313 23.75 22.13 23.93
C HIS B 313 23.08 23.27 24.74
N GLY B 314 23.48 23.50 25.97
CA GLY B 314 22.67 24.32 26.89
C GLY B 314 21.30 23.73 27.15
N GLY B 315 21.12 22.41 26.98
CA GLY B 315 19.91 21.66 27.44
C GLY B 315 18.91 21.10 26.44
N ALA B 316 18.91 21.64 25.20
CA ALA B 316 17.91 21.31 24.19
C ALA B 316 18.54 21.22 22.80
N PRO B 317 18.06 20.32 21.94
CA PRO B 317 18.51 20.37 20.52
C PRO B 317 17.97 21.66 19.83
N ARG B 318 18.65 22.14 18.77
CA ARG B 318 18.12 23.14 17.88
C ARG B 318 16.84 22.70 17.26
N THR B 319 16.12 23.63 16.65
CA THR B 319 14.81 23.36 16.08
C THR B 319 14.94 22.58 14.77
N GLY B 320 13.83 22.41 14.06
CA GLY B 320 13.73 21.73 12.77
C GLY B 320 14.60 22.33 11.67
N VAL B 321 15.11 21.47 10.78
CA VAL B 321 15.93 21.94 9.64
C VAL B 321 15.00 22.14 8.48
N LYS B 322 15.18 23.25 7.70
CA LYS B 322 14.40 23.37 6.49
C LYS B 322 15.26 23.38 5.21
N ARG B 323 16.54 23.77 5.33
CA ARG B 323 17.46 23.77 4.16
C ARG B 323 18.89 23.26 4.47
N ILE B 324 19.45 22.49 3.54
CA ILE B 324 20.87 22.11 3.61
C ILE B 324 21.54 22.49 2.27
N ALA B 325 22.61 23.28 2.35
CA ALA B 325 23.19 23.69 1.07
C ALA B 325 24.69 23.72 1.13
N ARG B 326 25.32 23.76 -0.05
CA ARG B 326 26.77 23.94 -0.07
C ARG B 326 27.12 25.41 -0.03
N ALA B 327 27.91 25.85 0.94
CA ALA B 327 28.18 27.32 1.12
C ALA B 327 29.34 27.68 0.16
N SER B 328 29.57 28.96 -0.10
CA SER B 328 30.66 29.39 -1.03
C SER B 328 32.06 29.12 -0.42
N ASP B 329 32.18 29.06 0.90
CA ASP B 329 33.43 28.61 1.57
C ASP B 329 33.66 27.08 1.54
N GLY B 330 32.81 26.35 0.81
CA GLY B 330 32.97 24.88 0.72
C GLY B 330 32.37 24.07 1.87
N ARG B 331 31.89 24.77 2.91
CA ARG B 331 31.36 24.10 4.11
C ARG B 331 29.87 23.86 3.84
N LEU B 332 29.17 23.18 4.73
CA LEU B 332 27.74 22.92 4.47
C LEU B 332 26.90 23.90 5.27
N ALA B 333 25.87 24.41 4.62
CA ALA B 333 24.97 25.42 5.22
C ALA B 333 23.63 24.81 5.64
N VAL B 334 23.33 24.95 6.91
CA VAL B 334 22.11 24.36 7.50
C VAL B 334 21.24 25.49 8.03
N THR B 335 20.04 25.60 7.47
CA THR B 335 19.10 26.70 7.85
C THR B 335 17.92 26.04 8.61
N ASP B 336 17.67 26.51 9.84
CA ASP B 336 16.51 26.01 10.62
C ASP B 336 15.22 26.69 10.20
N ASN B 337 14.11 26.22 10.75
CA ASN B 337 12.80 26.64 10.39
C ASN B 337 12.64 28.13 10.51
N TRP B 338 13.42 28.78 11.37
CA TRP B 338 13.20 30.21 11.65
C TRP B 338 14.18 31.06 10.83
N GLY B 339 14.91 30.44 9.88
CA GLY B 339 15.85 31.19 9.04
C GLY B 339 17.25 31.30 9.55
N ASP B 340 17.54 30.77 10.74
CA ASP B 340 18.90 30.80 11.25
C ASP B 340 19.86 29.81 10.47
N CYS B 341 20.97 30.32 9.95
CA CYS B 341 21.82 29.52 9.02
C CYS B 341 23.20 29.47 9.61
N ARG B 342 23.74 28.25 9.76
CA ARG B 342 24.97 27.97 10.43
C ARG B 342 25.78 27.01 9.52
N HIS B 343 27.11 27.14 9.54
CA HIS B 343 28.02 26.36 8.68
C HIS B 343 28.65 25.21 9.40
N TYR B 344 28.83 24.08 8.71
CA TYR B 344 29.47 22.90 9.31
C TYR B 344 30.39 22.23 8.32
N ALA B 345 31.46 21.62 8.80
CA ALA B 345 32.29 20.75 7.91
C ALA B 345 31.58 19.41 7.54
N ALA B 346 30.64 18.93 8.37
CA ALA B 346 29.94 17.68 8.05
C ALA B 346 28.51 17.76 8.65
N VAL B 347 27.60 17.13 7.93
CA VAL B 347 26.13 17.02 8.28
C VAL B 347 25.69 15.58 8.17
N LEU B 348 25.03 15.09 9.24
CA LEU B 348 24.44 13.77 9.18
C LEU B 348 22.92 13.94 9.32
N THR B 349 22.16 13.36 8.40
CA THR B 349 20.73 13.45 8.42
C THR B 349 20.19 12.09 8.82
N THR B 350 19.31 12.11 9.83
CA THR B 350 18.70 10.82 10.27
C THR B 350 17.19 10.82 10.25
N CYS B 351 16.56 11.86 9.65
CA CYS B 351 15.12 11.83 9.46
C CYS B 351 14.84 10.77 8.42
N GLN B 352 13.61 10.26 8.42
CA GLN B 352 13.22 9.31 7.39
C GLN B 352 13.64 9.90 6.03
N SER B 353 14.31 9.08 5.21
CA SER B 353 15.25 9.69 4.20
C SER B 353 14.49 10.36 3.03
N TRP B 354 13.28 9.92 2.79
CA TRP B 354 12.42 10.59 1.83
C TRP B 354 12.07 12.06 2.10
N LEU B 355 12.26 12.55 3.33
CA LEU B 355 12.00 13.96 3.62
C LEU B 355 13.09 14.86 2.97
N LEU B 356 14.23 14.27 2.65
CA LEU B 356 15.33 15.01 2.01
C LEU B 356 14.97 15.49 0.60
N THR B 357 13.99 14.82 0.00
CA THR B 357 13.58 15.08 -1.35
C THR B 357 12.45 16.07 -1.40
N THR B 358 11.80 16.33 -0.26
CA THR B 358 10.58 17.12 -0.22
C THR B 358 10.29 17.50 1.22
N GLN B 359 10.51 18.73 1.62
CA GLN B 359 10.36 19.11 3.06
C GLN B 359 11.60 19.76 3.55
N ILE B 360 12.70 19.01 3.43
CA ILE B 360 14.01 19.58 3.53
C ILE B 360 14.41 19.97 2.09
N ASP B 361 14.69 21.23 1.90
CA ASP B 361 15.26 21.69 0.65
C ASP B 361 16.77 21.40 0.71
N CYS B 362 17.13 20.25 0.16
CA CYS B 362 18.51 19.81 0.16
C CYS B 362 19.06 19.99 -1.25
N GLU B 363 20.09 20.82 -1.35
CA GLU B 363 20.74 21.20 -2.60
C GLU B 363 21.08 20.02 -3.51
N GLU B 364 20.70 20.13 -4.78
CA GLU B 364 20.94 19.03 -5.68
C GLU B 364 22.39 18.55 -5.77
N SER B 365 23.41 19.43 -5.75
CA SER B 365 24.80 19.00 -5.91
C SER B 365 25.32 18.11 -4.75
N LEU B 366 24.59 18.12 -3.63
CA LEU B 366 24.99 17.35 -2.48
C LEU B 366 24.97 15.82 -2.60
N PHE B 367 24.11 15.27 -3.45
CA PHE B 367 24.02 13.82 -3.76
C PHE B 367 24.26 13.56 -5.26
N SER B 368 24.94 12.48 -5.60
CA SER B 368 24.96 12.00 -7.01
C SER B 368 23.55 11.81 -7.56
N GLN B 369 23.39 11.83 -8.90
CA GLN B 369 22.14 11.46 -9.51
C GLN B 369 21.58 10.10 -9.02
N LYS B 370 22.46 9.10 -8.93
CA LYS B 370 22.03 7.72 -8.54
C LYS B 370 21.59 7.68 -7.04
N MET B 371 22.25 8.48 -6.20
CA MET B 371 21.81 8.62 -4.78
C MET B 371 20.41 9.28 -4.74
N TRP B 372 20.24 10.39 -5.47
CA TRP B 372 18.90 10.98 -5.52
C TRP B 372 17.83 9.97 -5.91
N MET B 373 18.12 9.18 -6.93
CA MET B 373 17.21 8.16 -7.37
C MET B 373 16.95 7.18 -6.24
N ALA B 374 17.99 6.72 -5.52
CA ALA B 374 17.73 5.77 -4.42
C ALA B 374 16.86 6.50 -3.34
N LEU B 375 17.20 7.74 -3.01
CA LEU B 375 16.39 8.51 -2.00
C LEU B 375 14.94 8.73 -2.35
N ASP B 376 14.64 8.99 -3.62
CA ASP B 376 13.23 9.18 -4.08
C ASP B 376 12.35 7.94 -4.02
N ARG B 377 12.94 6.77 -3.99
CA ARG B 377 12.19 5.58 -4.21
C ARG B 377 11.70 4.87 -2.95
N THR B 378 12.15 5.29 -1.79
CA THR B 378 11.67 4.65 -0.57
C THR B 378 10.12 4.71 -0.39
N ARG B 379 9.50 3.59 0.00
CA ARG B 379 8.08 3.61 0.42
C ARG B 379 7.86 3.06 1.83
N TYR B 380 6.83 3.60 2.50
CA TYR B 380 6.62 3.39 3.97
C TYR B 380 5.33 2.67 4.26
N MET B 381 5.33 1.84 5.29
CA MET B 381 4.19 1.08 5.74
C MET B 381 3.56 1.83 6.91
N GLN B 382 2.27 1.66 7.13
CA GLN B 382 1.56 2.46 8.11
C GLN B 382 1.10 1.56 9.20
N SER B 383 0.93 2.08 10.39
CA SER B 383 0.53 1.26 11.51
C SER B 383 -0.31 2.04 12.54
N SER B 384 -1.07 1.29 13.34
CA SER B 384 -1.89 1.88 14.38
C SER B 384 -1.83 0.96 15.61
N LYS B 385 -1.88 1.55 16.79
CA LYS B 385 -1.88 0.79 18.04
C LYS B 385 -2.70 1.66 19.00
N THR B 386 -3.50 1.01 19.84
CA THR B 386 -4.32 1.73 20.78
C THR B 386 -4.09 1.00 22.11
N PHE B 387 -3.89 1.75 23.18
CA PHE B 387 -3.63 1.16 24.51
C PHE B 387 -4.62 1.67 25.55
N VAL B 388 -5.06 0.79 26.46
CA VAL B 388 -5.84 1.26 27.61
C VAL B 388 -5.10 0.75 28.86
N MET B 389 -5.34 1.38 30.00
CA MET B 389 -4.85 0.92 31.27
C MET B 389 -6.00 0.14 31.98
N VAL B 390 -5.67 -0.79 32.83
CA VAL B 390 -6.71 -1.54 33.60
C VAL B 390 -6.31 -1.53 35.05
N ASP B 391 -7.27 -1.79 35.98
CA ASP B 391 -6.99 -1.62 37.41
C ASP B 391 -6.05 -2.68 37.90
N ARG B 392 -6.09 -3.90 37.31
CA ARG B 392 -5.20 -4.94 37.75
C ARG B 392 -5.13 -5.95 36.59
N PRO B 393 -4.17 -6.89 36.65
CA PRO B 393 -4.07 -7.90 35.58
C PRO B 393 -5.12 -9.01 35.76
N PHE B 394 -6.38 -8.62 35.62
CA PHE B 394 -7.52 -9.51 35.78
C PHE B 394 -7.55 -10.73 34.84
N TRP B 395 -6.83 -10.64 33.74
CA TRP B 395 -6.83 -11.71 32.75
C TRP B 395 -6.30 -12.98 33.34
N LYS B 396 -5.42 -12.85 34.33
CA LYS B 396 -4.85 -13.95 35.08
C LYS B 396 -5.90 -14.83 35.83
N ASP B 397 -7.04 -14.25 36.20
CA ASP B 397 -8.16 -15.04 36.78
C ASP B 397 -8.63 -16.16 35.85
N LYS B 398 -9.10 -17.24 36.47
CA LYS B 398 -9.58 -18.42 35.81
C LYS B 398 -11.11 -18.42 35.73
N ASP B 399 -11.65 -18.87 34.60
CA ASP B 399 -13.06 -19.18 34.48
C ASP B 399 -13.20 -20.65 34.98
N PRO B 400 -13.95 -20.86 36.07
CA PRO B 400 -14.04 -22.28 36.50
C PRO B 400 -14.92 -23.18 35.60
N GLU B 401 -15.88 -22.62 34.85
CA GLU B 401 -16.67 -23.49 33.92
C GLU B 401 -15.82 -24.09 32.76
N THR B 402 -14.62 -23.53 32.53
CA THR B 402 -13.80 -23.95 31.38
C THR B 402 -12.31 -24.26 31.68
N GLY B 403 -11.75 -23.70 32.76
CA GLY B 403 -10.32 -23.81 33.03
C GLY B 403 -9.50 -22.69 32.34
N ARG B 404 -10.12 -21.94 31.44
CA ARG B 404 -9.39 -20.85 30.67
C ARG B 404 -9.18 -19.54 31.44
N ASP B 405 -8.04 -18.86 31.21
CA ASP B 405 -7.86 -17.46 31.64
C ASP B 405 -9.02 -16.65 31.17
N LEU B 406 -9.41 -15.59 31.91
CA LEU B 406 -10.48 -14.68 31.41
C LEU B 406 -10.15 -14.03 30.09
N MET B 407 -8.86 -13.78 29.91
CA MET B 407 -8.42 -13.19 28.63
C MET B 407 -7.00 -13.67 28.33
N SER B 408 -6.63 -13.70 27.04
CA SER B 408 -5.26 -14.15 26.68
C SER B 408 -4.65 -13.20 25.64
N MET B 409 -3.37 -13.47 25.28
CA MET B 409 -2.76 -12.75 24.12
C MET B 409 -3.65 -13.22 23.00
N THR B 410 -4.22 -12.31 22.22
CA THR B 410 -5.22 -12.60 21.24
C THR B 410 -4.73 -12.30 19.86
N LEU B 411 -4.74 -13.33 19.00
CA LEU B 411 -4.49 -13.17 17.56
C LEU B 411 -5.73 -13.47 16.74
N THR B 412 -6.06 -12.63 15.79
CA THR B 412 -7.35 -12.83 15.12
C THR B 412 -7.23 -12.29 13.74
N ASP B 413 -8.16 -12.68 12.87
CA ASP B 413 -8.35 -12.09 11.57
C ASP B 413 -9.25 -10.88 11.71
N ARG B 414 -9.88 -10.64 12.86
CA ARG B 414 -10.76 -9.43 12.98
C ARG B 414 -9.91 -8.11 13.04
N LEU B 415 -10.61 -6.96 13.19
CA LEU B 415 -10.07 -5.58 13.23
C LEU B 415 -8.78 -5.47 14.05
N THR B 416 -8.85 -6.04 15.25
CA THR B 416 -7.82 -5.82 16.27
C THR B 416 -6.47 -6.50 15.89
N ARG B 417 -6.54 -7.64 15.22
CA ARG B 417 -5.34 -8.41 14.77
C ARG B 417 -4.54 -8.98 15.89
N GLY B 418 -3.98 -8.17 16.77
CA GLY B 418 -3.24 -8.68 17.91
C GLY B 418 -3.53 -7.86 19.20
N THR B 419 -3.69 -8.53 20.32
CA THR B 419 -3.87 -7.84 21.61
C THR B 419 -2.89 -8.37 22.58
N TYR B 420 -2.23 -7.47 23.29
CA TYR B 420 -1.16 -7.87 24.19
C TYR B 420 -1.50 -7.46 25.58
N LEU B 421 -1.08 -8.27 26.52
CA LEU B 421 -1.41 -7.98 27.91
C LEU B 421 -0.15 -7.72 28.72
N PHE B 422 -0.05 -6.60 29.42
CA PHE B 422 1.14 -6.31 30.20
C PHE B 422 0.90 -6.29 31.71
N ASP B 423 1.52 -7.25 32.39
CA ASP B 423 1.29 -7.53 33.80
C ASP B 423 2.36 -6.72 34.48
N ASN B 424 1.95 -5.69 35.22
CA ASN B 424 2.92 -4.84 35.92
C ASN B 424 3.07 -5.32 37.39
N GLY B 425 2.49 -6.49 37.70
CA GLY B 425 2.40 -7.06 39.05
C GLY B 425 0.97 -6.99 39.56
N ASP B 426 0.49 -8.08 40.19
CA ASP B 426 -0.88 -8.27 40.77
C ASP B 426 -1.56 -7.06 41.45
N ASP B 427 -0.77 -6.12 41.95
CA ASP B 427 -1.29 -5.01 42.75
C ASP B 427 -0.86 -3.64 42.25
N LYS B 428 -0.59 -3.58 40.93
CA LYS B 428 -0.46 -2.30 40.18
C LYS B 428 -1.29 -2.40 38.88
N PRO B 429 -1.59 -1.26 38.24
CA PRO B 429 -2.37 -1.32 37.02
C PRO B 429 -1.69 -2.21 35.94
N GLY B 430 -2.50 -2.87 35.12
CA GLY B 430 -2.02 -3.56 33.89
C GLY B 430 -2.20 -2.62 32.71
N VAL B 431 -1.62 -2.97 31.54
CA VAL B 431 -1.82 -2.20 30.34
C VAL B 431 -2.21 -3.23 29.29
N ILE B 432 -3.15 -2.88 28.42
CA ILE B 432 -3.50 -3.73 27.30
C ILE B 432 -3.23 -2.96 26.00
N CYS B 433 -2.49 -3.59 25.09
CA CYS B 433 -2.37 -3.05 23.71
C CYS B 433 -3.51 -3.71 22.98
N LEU B 434 -4.67 -3.04 22.92
CA LEU B 434 -6.03 -3.66 22.55
C LEU B 434 -5.95 -4.00 21.10
N SER B 435 -5.16 -3.19 20.43
CA SER B 435 -5.13 -3.30 18.99
C SER B 435 -3.72 -2.87 18.63
N TYR B 436 -3.00 -3.80 18.01
CA TYR B 436 -1.98 -3.50 17.01
C TYR B 436 -2.69 -3.77 15.68
N ALA B 437 -2.32 -3.06 14.58
CA ALA B 437 -2.63 -3.41 13.15
C ALA B 437 -1.85 -2.59 12.03
N TRP B 438 -1.68 -3.17 10.81
CA TRP B 438 -0.82 -2.56 9.73
C TRP B 438 -1.54 -2.18 8.49
N HIS B 448 -10.93 7.61 12.50
CA HIS B 448 -11.76 7.79 13.70
C HIS B 448 -11.05 8.31 14.94
N PRO B 449 -11.81 8.94 15.86
CA PRO B 449 -11.21 9.35 17.09
C PRO B 449 -10.77 8.12 17.94
N VAL B 450 -9.90 8.39 18.89
CA VAL B 450 -9.48 7.40 19.88
C VAL B 450 -10.69 6.65 20.47
N GLU B 451 -11.80 7.34 20.77
CA GLU B 451 -12.90 6.74 21.49
C GLU B 451 -13.54 5.70 20.67
N LYS B 452 -13.71 5.99 19.40
CA LYS B 452 -14.31 5.06 18.47
C LYS B 452 -13.39 3.81 18.24
N ARG B 453 -12.08 4.04 18.08
CA ARG B 453 -11.08 2.97 17.92
C ARG B 453 -11.14 2.01 19.08
N VAL B 454 -11.18 2.54 20.30
CA VAL B 454 -11.29 1.65 21.48
C VAL B 454 -12.65 0.90 21.53
N GLN B 455 -13.76 1.59 21.28
CA GLN B 455 -15.08 0.92 21.27
C GLN B 455 -15.11 -0.24 20.25
N LEU B 456 -14.61 0.01 19.04
CA LEU B 456 -14.53 -1.01 17.95
C LEU B 456 -13.73 -2.24 18.37
N ALA B 457 -12.62 -2.02 19.07
CA ALA B 457 -11.83 -3.12 19.62
C ALA B 457 -12.53 -3.82 20.72
N LEU B 458 -13.17 -3.10 21.65
CA LEU B 458 -13.88 -3.81 22.71
C LEU B 458 -15.06 -4.64 22.18
N ASP B 459 -15.72 -4.14 21.13
CA ASP B 459 -16.81 -4.90 20.45
C ASP B 459 -16.30 -6.20 19.81
N ALA B 460 -15.24 -6.10 19.01
CA ALA B 460 -14.55 -7.29 18.46
C ALA B 460 -14.10 -8.25 19.63
N LEU B 461 -13.45 -7.73 20.69
CA LEU B 461 -13.03 -8.57 21.82
C LEU B 461 -14.23 -9.15 22.59
N LYS B 462 -15.38 -8.47 22.58
CA LYS B 462 -16.59 -9.12 23.13
C LYS B 462 -17.04 -10.34 22.30
N LYS B 463 -16.88 -10.30 20.97
CA LYS B 463 -17.26 -11.46 20.14
C LYS B 463 -16.38 -12.63 20.55
N ILE B 464 -15.08 -12.36 20.73
CA ILE B 464 -14.11 -13.40 21.03
C ILE B 464 -14.27 -13.88 22.45
N TYR B 465 -14.56 -12.97 23.41
CA TYR B 465 -14.61 -13.31 24.84
C TYR B 465 -15.98 -12.85 25.35
N PRO B 466 -17.04 -13.58 24.93
CA PRO B 466 -18.36 -13.02 25.28
C PRO B 466 -18.64 -12.96 26.79
N LYS B 467 -17.88 -13.69 27.58
CA LYS B 467 -18.08 -13.81 29.04
C LYS B 467 -17.21 -12.90 29.88
N THR B 468 -16.25 -12.18 29.27
CA THR B 468 -15.32 -11.35 30.07
C THR B 468 -15.71 -9.88 29.99
N ASP B 469 -15.73 -9.21 31.13
CA ASP B 469 -16.03 -7.78 31.13
C ASP B 469 -14.73 -6.97 31.15
N ILE B 470 -14.30 -6.57 29.97
CA ILE B 470 -12.97 -5.91 29.87
C ILE B 470 -13.18 -4.42 30.32
N ALA B 471 -14.20 -3.82 29.70
CA ALA B 471 -14.58 -2.43 29.87
C ALA B 471 -14.57 -2.05 31.33
N GLY B 472 -15.11 -2.94 32.18
CA GLY B 472 -15.33 -2.66 33.58
C GLY B 472 -14.04 -2.42 34.29
N HIS B 473 -12.93 -2.95 33.74
CA HIS B 473 -11.66 -2.87 34.40
C HIS B 473 -10.80 -1.68 33.89
N ILE B 474 -11.22 -1.05 32.80
CA ILE B 474 -10.43 0.01 32.17
C ILE B 474 -10.52 1.31 33.02
N ILE B 475 -9.35 1.96 33.23
CA ILE B 475 -9.23 3.25 33.96
C ILE B 475 -8.27 4.15 33.18
N GLY B 476 -8.20 5.42 33.58
CA GLY B 476 -7.31 6.43 32.93
C GLY B 476 -7.72 6.75 31.51
N ASP B 477 -6.75 7.20 30.68
CA ASP B 477 -7.09 7.68 29.35
C ASP B 477 -6.65 6.65 28.25
N PRO B 478 -7.33 6.62 27.09
CA PRO B 478 -6.84 5.67 26.01
C PRO B 478 -5.69 6.38 25.35
N ILE B 479 -4.68 5.68 24.85
CA ILE B 479 -3.61 6.32 24.15
C ILE B 479 -3.60 5.61 22.79
N THR B 480 -3.64 6.40 21.71
CA THR B 480 -3.67 5.85 20.36
C THR B 480 -2.54 6.52 19.58
N ILE B 481 -2.03 5.81 18.56
CA ILE B 481 -1.05 6.49 17.66
C ILE B 481 -1.32 5.96 16.27
N SER B 482 -1.25 6.87 15.29
CA SER B 482 -1.00 6.46 13.90
C SER B 482 0.24 7.29 13.43
N TRP B 483 1.28 6.60 13.00
CA TRP B 483 2.51 7.34 12.64
C TRP B 483 2.39 8.27 11.44
N GLU B 484 1.55 7.84 10.46
CA GLU B 484 1.12 8.66 9.26
C GLU B 484 0.97 10.15 9.56
N ALA B 485 -0.02 10.47 10.40
CA ALA B 485 -0.31 11.84 10.89
C ALA B 485 0.92 12.41 11.62
N ASP B 486 1.30 13.66 11.38
CA ASP B 486 2.59 14.19 11.86
C ASP B 486 3.58 14.03 10.73
N PRO B 487 4.31 15.09 10.42
CA PRO B 487 5.23 14.70 9.38
C PRO B 487 6.17 15.81 9.02
N HIS B 488 7.48 15.60 9.14
CA HIS B 488 8.16 14.67 10.05
C HIS B 488 8.18 13.16 9.96
N PHE B 489 7.08 12.49 9.69
CA PHE B 489 7.11 11.05 9.52
C PHE B 489 6.27 10.65 8.37
N LEU B 490 6.68 9.59 7.71
CA LEU B 490 6.02 9.07 6.56
C LEU B 490 5.29 7.78 6.88
N GLY B 491 5.70 7.12 7.93
CA GLY B 491 5.00 5.86 8.24
C GLY B 491 5.78 5.27 9.38
N ALA B 492 5.42 4.08 9.83
CA ALA B 492 6.12 3.45 10.94
C ALA B 492 7.56 3.15 10.60
N PHE B 493 7.78 2.79 9.33
CA PHE B 493 9.07 2.40 8.83
C PHE B 493 8.94 1.99 7.37
N LYS B 494 10.05 1.90 6.64
CA LYS B 494 9.91 1.50 5.19
C LYS B 494 9.57 0.07 4.95
N GLY B 495 8.93 -0.20 3.80
CA GLY B 495 8.65 -1.61 3.40
C GLY B 495 9.67 -1.84 2.26
N ALA B 496 10.49 -2.90 2.34
CA ALA B 496 11.54 -3.12 1.31
C ALA B 496 10.90 -3.61 0.04
N LEU B 497 11.06 -2.86 -1.02
CA LEU B 497 10.32 -3.16 -2.21
C LEU B 497 11.08 -4.20 -3.11
N PRO B 498 10.35 -5.14 -3.75
CA PRO B 498 11.08 -6.12 -4.59
C PRO B 498 11.87 -5.33 -5.62
N GLY B 499 13.10 -5.77 -5.92
CA GLY B 499 13.86 -5.12 -6.96
C GLY B 499 14.61 -3.90 -6.50
N HIS B 500 14.53 -3.58 -5.24
CA HIS B 500 15.20 -2.36 -4.80
C HIS B 500 16.52 -2.61 -4.10
N TYR B 501 17.10 -3.82 -4.15
CA TYR B 501 18.34 -4.07 -3.42
C TYR B 501 19.39 -3.06 -3.91
N ARG B 502 19.37 -2.73 -5.22
CA ARG B 502 20.46 -1.83 -5.75
C ARG B 502 20.40 -0.46 -5.08
N TYR B 503 19.20 0.07 -4.87
CA TYR B 503 19.03 1.35 -4.15
C TYR B 503 19.46 1.24 -2.70
N ASN B 504 19.04 0.19 -2.01
CA ASN B 504 19.45 -0.06 -0.64
C ASN B 504 20.98 -0.13 -0.50
N GLN B 505 21.60 -0.85 -1.42
CA GLN B 505 23.05 -1.00 -1.36
C GLN B 505 23.78 0.34 -1.53
N ARG B 506 23.33 1.20 -2.46
CA ARG B 506 24.00 2.50 -2.68
C ARG B 506 23.85 3.36 -1.41
N MET B 507 22.66 3.33 -0.78
CA MET B 507 22.38 4.21 0.40
C MET B 507 23.15 3.65 1.58
N TYR B 508 23.15 2.31 1.75
CA TYR B 508 23.94 1.72 2.84
C TYR B 508 25.45 2.08 2.78
N ALA B 509 25.95 2.17 1.55
CA ALA B 509 27.39 2.44 1.37
C ALA B 509 27.72 3.90 1.28
N HIS B 510 26.75 4.78 1.40
CA HIS B 510 26.99 6.19 1.26
C HIS B 510 28.03 6.77 2.21
N PHE B 511 28.16 6.19 3.40
CA PHE B 511 29.18 6.69 4.33
C PHE B 511 30.69 6.52 3.90
N MET B 512 30.92 5.71 2.85
CA MET B 512 32.23 5.36 2.31
C MET B 512 32.50 6.37 1.21
N GLN B 513 33.28 7.38 1.52
CA GLN B 513 33.28 8.58 0.60
C GLN B 513 34.62 8.93 -0.04
N ALA B 514 35.64 8.11 0.18
CA ALA B 514 36.98 8.28 -0.52
C ALA B 514 36.89 8.44 -2.04
N GLN B 515 35.97 7.75 -2.68
CA GLN B 515 35.87 7.80 -4.11
C GLN B 515 34.91 8.89 -4.64
N MET B 516 34.26 9.69 -3.77
CA MET B 516 33.24 10.64 -4.23
C MET B 516 33.86 11.99 -4.58
N PRO B 517 33.26 12.69 -5.54
CA PRO B 517 33.76 14.07 -5.78
C PRO B 517 33.58 14.92 -4.52
N VAL B 518 34.48 15.87 -4.29
CA VAL B 518 34.51 16.75 -3.13
C VAL B 518 33.19 17.48 -2.87
N GLU B 519 32.39 17.75 -3.91
CA GLU B 519 31.09 18.38 -3.72
C GLU B 519 30.04 17.46 -3.07
N GLN B 520 30.29 16.15 -3.14
CA GLN B 520 29.37 15.17 -2.53
C GLN B 520 29.86 14.65 -1.19
N ARG B 521 30.99 15.12 -0.70
CA ARG B 521 31.53 14.57 0.52
C ARG B 521 31.12 15.46 1.68
N GLY B 522 30.99 14.86 2.86
CA GLY B 522 30.79 15.67 4.07
C GLY B 522 29.34 15.57 4.52
N ILE B 523 28.43 15.25 3.62
CA ILE B 523 27.02 14.91 4.08
C ILE B 523 26.89 13.42 4.25
N PHE B 524 26.13 12.99 5.29
CA PHE B 524 26.06 11.55 5.58
C PHE B 524 24.61 11.26 5.94
N ILE B 525 24.20 10.02 5.72
CA ILE B 525 22.82 9.61 6.07
C ILE B 525 22.89 8.39 7.01
N ALA B 526 21.88 8.23 7.89
CA ALA B 526 21.77 7.05 8.73
C ALA B 526 20.30 6.92 9.16
N GLY B 527 20.00 5.78 9.75
CA GLY B 527 18.66 5.62 10.36
C GLY B 527 18.03 4.35 9.81
N ASP B 528 16.84 4.00 10.30
CA ASP B 528 16.43 2.65 9.91
C ASP B 528 16.09 2.45 8.38
N ASP B 529 15.67 3.51 7.67
CA ASP B 529 15.51 3.48 6.14
C ASP B 529 16.79 3.14 5.41
N VAL B 530 17.90 3.56 5.98
CA VAL B 530 19.26 3.26 5.44
C VAL B 530 19.66 1.81 5.68
N SER B 531 19.05 1.15 6.67
CA SER B 531 19.57 -0.11 7.19
C SER B 531 18.97 -1.29 6.44
N TRP B 532 19.51 -2.48 6.66
CA TRP B 532 18.97 -3.71 5.99
C TRP B 532 17.81 -4.35 6.77
N THR B 533 17.52 -3.79 7.93
CA THR B 533 16.39 -4.30 8.75
C THR B 533 15.50 -3.07 9.06
N PRO B 534 14.74 -2.58 8.09
CA PRO B 534 14.04 -1.30 8.25
C PRO B 534 12.99 -1.26 9.38
N ALA B 535 12.45 -2.39 9.82
CA ALA B 535 11.42 -2.37 10.85
C ALA B 535 11.99 -2.47 12.33
N TRP B 536 13.33 -2.39 12.48
CA TRP B 536 14.00 -2.87 13.71
C TRP B 536 15.01 -1.94 14.15
N VAL B 537 14.93 -1.53 15.42
CA VAL B 537 15.85 -0.47 15.89
C VAL B 537 17.37 -0.75 15.66
N GLU B 538 17.80 -2.01 15.64
CA GLU B 538 19.25 -2.28 15.49
C GLU B 538 19.76 -1.72 14.16
N GLY B 539 18.88 -1.61 13.18
CA GLY B 539 19.25 -1.03 11.83
C GLY B 539 19.62 0.41 11.95
N ALA B 540 18.85 1.16 12.72
CA ALA B 540 19.13 2.55 12.96
C ALA B 540 20.46 2.69 13.69
N VAL B 541 20.71 1.86 14.69
CA VAL B 541 22.00 1.99 15.45
C VAL B 541 23.23 1.59 14.58
N GLN B 542 23.09 0.48 13.85
CA GLN B 542 24.26 0.06 12.98
C GLN B 542 24.59 1.11 11.92
N THR B 543 23.58 1.64 11.22
CA THR B 543 23.90 2.65 10.18
C THR B 543 24.42 3.91 10.83
N SER B 544 23.87 4.23 12.00
CA SER B 544 24.45 5.36 12.73
C SER B 544 25.96 5.17 13.00
N LEU B 545 26.37 3.97 13.47
CA LEU B 545 27.80 3.73 13.75
C LEU B 545 28.66 3.73 12.44
N ASN B 546 28.07 3.29 11.32
CA ASN B 546 28.78 3.45 10.07
C ASN B 546 29.03 4.94 9.78
N ALA B 547 27.99 5.79 9.97
CA ALA B 547 28.15 7.22 9.83
C ALA B 547 29.18 7.82 10.77
N VAL B 548 29.25 7.34 12.00
CA VAL B 548 30.25 7.81 12.96
C VAL B 548 31.67 7.50 12.35
N TRP B 549 31.85 6.31 11.78
CA TRP B 549 33.16 5.96 11.18
C TRP B 549 33.44 6.95 10.04
N GLY B 550 32.42 7.13 9.21
CA GLY B 550 32.51 8.06 8.06
C GLY B 550 32.91 9.50 8.42
N ILE B 551 32.25 10.02 9.44
CA ILE B 551 32.51 11.37 9.91
C ILE B 551 33.88 11.50 10.57
N MET B 552 34.23 10.55 11.42
CA MET B 552 35.56 10.49 11.95
C MET B 552 36.64 10.56 10.83
N ASN B 553 36.45 9.70 9.82
CA ASN B 553 37.31 9.63 8.66
C ASN B 553 37.32 10.98 7.95
N HIS B 554 36.19 11.64 7.88
CA HIS B 554 36.09 12.90 7.20
C HIS B 554 36.94 13.98 7.82
N PHE B 555 37.05 13.93 9.13
CA PHE B 555 37.82 14.91 9.90
C PHE B 555 39.31 14.53 10.04
N GLY B 556 39.77 13.61 9.18
CA GLY B 556 41.13 13.11 9.17
C GLY B 556 41.42 12.15 10.29
N GLY B 557 40.40 11.48 10.86
CA GLY B 557 40.59 10.65 12.07
C GLY B 557 40.72 9.21 11.62
N LYS B 558 41.00 8.30 12.52
CA LYS B 558 41.06 6.88 12.19
C LYS B 558 40.81 6.02 13.39
N THR B 559 40.58 4.72 13.19
CA THR B 559 40.33 3.80 14.27
C THR B 559 41.70 3.35 14.81
N HIS B 560 41.71 2.80 16.01
CA HIS B 560 42.93 2.24 16.55
C HIS B 560 43.19 0.92 15.86
N ALA B 561 44.48 0.57 15.69
CA ALA B 561 44.88 -0.61 14.93
C ALA B 561 44.26 -1.86 15.52
N ASP B 562 44.14 -1.90 16.83
CA ASP B 562 43.65 -3.12 17.46
C ASP B 562 42.10 -3.17 17.58
N ASN B 563 41.39 -2.12 17.13
CA ASN B 563 39.93 -2.12 17.16
C ASN B 563 39.34 -1.50 15.84
N PRO B 564 39.55 -2.16 14.67
CA PRO B 564 39.09 -1.60 13.40
C PRO B 564 37.57 -1.46 13.34
N GLY B 565 37.15 -0.47 12.57
CA GLY B 565 35.74 -0.06 12.52
C GLY B 565 35.15 -0.38 11.16
N PRO B 566 33.88 -0.02 10.93
CA PRO B 566 33.18 -0.49 9.73
C PRO B 566 33.91 -0.13 8.44
N GLY B 567 34.35 1.11 8.30
CA GLY B 567 34.98 1.51 7.03
C GLY B 567 36.34 0.87 6.77
N ASP B 568 37.00 0.32 7.80
CA ASP B 568 38.25 -0.41 7.61
C ASP B 568 38.06 -1.74 6.96
N VAL B 569 36.87 -2.39 7.10
CA VAL B 569 36.67 -3.74 6.49
C VAL B 569 35.58 -3.73 5.42
N PHE B 570 34.88 -2.59 5.25
CA PHE B 570 33.73 -2.50 4.32
C PHE B 570 34.01 -2.97 2.89
N ASP B 571 35.13 -2.57 2.30
CA ASP B 571 35.40 -2.96 0.93
C ASP B 571 35.59 -4.46 0.75
N GLU B 572 36.07 -5.17 1.77
CA GLU B 572 36.29 -6.57 1.71
C GLU B 572 35.01 -7.32 2.05
N ILE B 573 34.24 -6.90 3.05
CA ILE B 573 33.08 -7.79 3.50
C ILE B 573 31.70 -7.10 3.43
N GLY B 574 31.65 -5.92 2.85
CA GLY B 574 30.44 -5.13 2.64
C GLY B 574 29.47 -5.76 1.66
N GLN B 575 28.34 -5.18 1.47
CA GLN B 575 27.24 -5.71 0.76
C GLN B 575 27.65 -5.79 -0.71
N ILE B 576 27.41 -6.91 -1.32
CA ILE B 576 27.67 -7.11 -2.76
C ILE B 576 26.96 -6.07 -3.67
N ALA B 577 27.68 -5.53 -4.67
CA ALA B 577 27.05 -4.66 -5.67
C ALA B 577 26.54 -5.54 -6.84
N LEU B 578 25.32 -5.32 -7.30
CA LEU B 578 24.78 -6.12 -8.41
C LEU B 578 25.11 -5.37 -9.70
N ALA B 579 25.35 -6.12 -10.78
CA ALA B 579 25.63 -5.54 -12.13
C ALA B 579 24.49 -4.73 -12.70
N ASP B 580 24.80 -3.98 -13.76
CA ASP B 580 24.03 -2.82 -14.29
C ASP B 580 23.99 -1.65 -13.31
PA FAD C . -19.47 3.83 -7.56
O1A FAD C . -19.46 4.72 -8.73
O2A FAD C . -18.54 3.93 -6.37
O5B FAD C . -20.97 3.84 -7.04
C5B FAD C . -21.27 3.28 -5.76
C4B FAD C . -22.11 4.39 -5.06
O4B FAD C . -22.50 3.94 -3.75
C3B FAD C . -21.33 5.76 -4.85
O3B FAD C . -22.06 6.83 -5.50
C2B FAD C . -21.41 5.96 -3.33
O2B FAD C . -21.64 7.35 -2.97
C1B FAD C . -22.69 5.12 -2.94
N9A FAD C . -22.67 4.73 -1.53
C8A FAD C . -21.61 4.41 -0.79
N7A FAD C . -22.04 4.00 0.42
C5A FAD C . -23.37 4.12 0.49
C6A FAD C . -24.41 3.89 1.52
N6A FAD C . -24.11 3.50 2.77
N1A FAD C . -25.66 4.07 1.10
C2A FAD C . -26.09 4.52 -0.11
N3A FAD C . -25.13 4.74 -1.09
C4A FAD C . -23.80 4.55 -0.79
N1 FAD C . -12.87 3.26 -15.57
C2 FAD C . -12.56 3.14 -16.87
O2 FAD C . -13.16 2.37 -17.68
N3 FAD C . -11.52 3.88 -17.38
C4 FAD C . -10.80 4.75 -16.68
O4 FAD C . -9.88 5.44 -17.21
C4X FAD C . -11.07 4.88 -15.27
N5 FAD C . -10.29 5.65 -14.46
C5X FAD C . -10.63 5.88 -13.17
C6 FAD C . -9.94 6.80 -12.40
C7 FAD C . -10.30 6.99 -11.08
C7M FAD C . -9.54 7.97 -10.15
C8 FAD C . -11.45 6.23 -10.54
C8M FAD C . -11.81 6.47 -9.10
C9 FAD C . -12.15 5.29 -11.29
C9A FAD C . -11.75 5.07 -12.60
N10 FAD C . -12.44 4.17 -13.44
C10 FAD C . -12.18 4.08 -14.76
C1' FAD C . -13.53 3.29 -12.86
C2' FAD C . -14.93 3.67 -12.91
O2' FAD C . -14.95 5.02 -12.54
C3' FAD C . -15.60 2.83 -11.81
O3' FAD C . -15.33 1.44 -12.16
C4' FAD C . -17.07 2.83 -11.87
O4' FAD C . -17.40 4.19 -11.93
C5' FAD C . -17.60 2.20 -10.55
O5' FAD C . -18.97 2.33 -10.63
P FAD C . -19.79 1.53 -9.45
O1P FAD C . -19.06 0.24 -9.24
O2P FAD C . -21.23 1.69 -9.67
O3P FAD C . -19.32 2.24 -8.03
PA FAD D . 13.54 8.46 14.12
O1A FAD D . 12.51 8.70 13.13
O2A FAD D . 13.27 7.84 15.47
O5B FAD D . 14.33 9.80 14.35
C5B FAD D . 14.34 10.75 13.27
C4B FAD D . 14.05 12.08 13.93
O4B FAD D . 14.21 13.08 12.93
C3B FAD D . 12.60 12.14 14.44
O3B FAD D . 12.65 12.44 15.86
C2B FAD D . 12.04 13.32 13.63
O2B FAD D . 11.17 14.18 14.34
C1B FAD D . 13.30 14.12 13.25
N9A FAD D . 13.10 15.02 12.04
C8A FAD D . 12.35 14.75 10.94
N7A FAD D . 12.42 15.81 10.09
C5A FAD D . 13.25 16.72 10.61
C6A FAD D . 13.77 18.06 10.23
N6A FAD D . 13.41 18.66 9.06
N1A FAD D . 14.61 18.62 11.07
C2A FAD D . 15.01 18.11 12.27
N3A FAD D . 14.58 16.87 12.66
C4A FAD D . 13.71 16.18 11.88
N1 FAD D . 12.02 -1.59 16.36
C2 FAD D . 12.29 -2.68 17.01
O2 FAD D . 13.45 -3.05 17.17
N3 FAD D . 11.31 -3.48 17.54
C4 FAD D . 10.02 -3.19 17.43
O4 FAD D . 9.11 -3.93 17.93
C4X FAD D . 9.65 -2.03 16.72
N5 FAD D . 8.39 -1.74 16.47
C5X FAD D . 8.02 -0.58 15.97
C6 FAD D . 6.67 -0.25 15.91
C7 FAD D . 6.31 0.93 15.33
C7M FAD D . 4.87 1.44 15.15
C8 FAD D . 7.40 1.80 14.79
C8M FAD D . 6.98 3.08 14.17
C9 FAD D . 8.72 1.51 14.88
C9A FAD D . 9.10 0.31 15.46
N10 FAD D . 10.44 -0.09 15.51
C10 FAD D . 10.76 -1.19 16.18
C1' FAD D . 11.63 0.71 14.94
C2' FAD D . 12.38 1.67 15.79
O2' FAD D . 11.36 2.39 16.45
C3' FAD D . 13.02 2.55 14.69
O3' FAD D . 13.84 1.69 13.87
C4' FAD D . 13.90 3.60 15.29
O4' FAD D . 13.26 4.22 16.41
C5' FAD D . 14.08 4.71 14.24
O5' FAD D . 15.16 5.48 14.73
P FAD D . 15.87 6.63 13.76
O1P FAD D . 16.21 5.91 12.40
O2P FAD D . 16.79 7.46 14.59
O3P FAD D . 14.64 7.53 13.30
#